data_6SK5
#
_entry.id   6SK5
#
_cell.length_a   1.00
_cell.length_b   1.00
_cell.length_c   1.00
_cell.angle_alpha   90.00
_cell.angle_beta   90.00
_cell.angle_gamma   90.00
#
_symmetry.space_group_name_H-M   'P 1'
#
loop_
_entity.id
_entity.type
_entity.pdbx_description
1 polymer 'Rhinovirus B5 VP4'
2 polymer 'Rhinovirus B5 VP2'
3 polymer 'Rhinovirus B5 VP1'
4 polymer 'Rhinovirus B5 VP3'
5 non-polymer 6-phenyl-~{N}3-[4-(trifluoromethyl)phenyl]-1~{H}-pyrazolo[3,4-d]pyrimidine-3,4-diamine
#
loop_
_entity_poly.entity_id
_entity_poly.type
_entity_poly.pdbx_seq_one_letter_code
_entity_poly.pdbx_strand_id
1 'polypeptide(L)' MGAQVSTQKSGSHENQNILTNGSNQTFTVINYYKDAASSSSAGQSFSMDPSKFTEPVKDIMLKGAPALN D
2 'polypeptide(L)'
;GYSDRVEQITLGNSTITTQEAANSIVAYGEWPSFLSDVDASDVNKTTKPDTSACRFYTLDSKMWTQGSKGWCWKLPDALK
DMGIFGQNMFFHSQGRTGYTIHVQCNATKFHSGCLLVVVIPEHQLASAEGGNVSVLYDKTHPGEKGIDLSEADSTGPMKD
PLYMMDGTLIGNSLIFPHQFINLRTNNTATIVVPYINSVPMDSMTRHNNLSLMVIPIVDITATSGTTPSIPVTITIAPMF
LELSGIRSKAVI
;
B
3 'polypeptide(L)'
;GLEDDLVEVIVDKAQQTLASIKSDSKHTQKVPSLTANETGATLPTTPSDSVETRTTLMHYTGSETTLENFLGRAACVHVV
EIVNKRPTDTEEHRMQLLFNNWKINLSSLVQLRRKLEMFTYVRFDSEYTIIATSSQPNEAKFSSNLTIQAMFIPPGAPNP
KKWDDYTWQSATNPSVFFNVGKSARFSVPYLGIASAYNCFYDGYSHDNSTTPYGINVLNHMGSMAFRVVNEHDNHTTHVK
VRVYHRAKHIRAWVPRAPRALEYLHIGRTNYKQSPQNPIKTRKTISTY
;
A
4 'polypeptide(L)'
;GLPTVLTPGSEQFLTTDDRQSPSAMPNYEPTPLIHIPGEVKNLLEIAQVDTLIPLNNTTNTTGLGMYRIPLVQNMQGEQV
FGFRLYLGDGVLKTTLLGELCQYFTHWAGSLRLSFMYTGPALSSAKLLIAYTPPGAQGPTKRKEAMLGTHVVWDIGLQST
VVLNIPWTSGVQYRYTDPDTYTSAGFVSCWYQTSLVLPPQTQQTVYMLGFISACPDFKLRLMKDTQSIHQ
;
C
#
# COMPACT_ATOMS: atom_id res chain seq x y z
N ILE A 30 30.76 14.89 -13.07
CA ILE A 30 30.80 16.34 -13.05
C ILE A 30 29.45 16.95 -13.26
N ASN A 31 29.03 17.81 -12.34
CA ASN A 31 27.78 18.53 -12.49
C ASN A 31 28.01 19.75 -13.35
N TYR A 32 27.10 20.00 -14.27
CA TYR A 32 27.25 21.12 -15.18
C TYR A 32 26.30 22.25 -14.84
N TYR A 33 25.37 22.00 -13.96
CA TYR A 33 24.37 22.98 -13.61
C TYR A 33 24.43 23.23 -12.13
N LYS A 34 24.18 24.46 -11.70
CA LYS A 34 24.30 24.78 -10.28
C LYS A 34 22.97 24.78 -9.55
N ASP A 35 21.96 24.27 -10.22
CA ASP A 35 20.63 24.09 -9.63
C ASP A 35 20.33 22.66 -9.40
N ALA A 36 20.26 22.37 -8.13
CA ALA A 36 20.52 21.00 -7.70
C ALA A 36 19.56 20.00 -8.32
N ALA A 37 18.37 20.45 -8.69
CA ALA A 37 17.36 19.57 -9.31
C ALA A 37 17.89 18.99 -10.61
N SER A 38 18.81 19.72 -11.23
CA SER A 38 19.44 19.35 -12.48
C SER A 38 20.37 18.17 -12.35
N SER A 39 20.76 17.84 -11.12
CA SER A 39 21.66 16.74 -10.88
C SER A 39 21.06 15.43 -11.34
N SER A 40 21.91 14.56 -11.88
CA SER A 40 21.48 13.24 -12.32
C SER A 40 21.09 12.44 -11.11
N SER A 41 20.46 11.28 -11.32
CA SER A 41 19.95 10.45 -10.22
C SER A 41 21.05 9.75 -9.45
N ALA A 42 21.87 10.53 -8.79
CA ALA A 42 22.98 10.01 -8.02
C ALA A 42 22.47 9.47 -6.71
N GLY A 43 23.19 8.52 -6.17
CA GLY A 43 22.85 8.02 -4.85
C GLY A 43 23.55 6.72 -4.55
N GLN A 44 23.50 6.33 -3.29
CA GLN A 44 24.11 5.10 -2.83
C GLN A 44 23.06 4.09 -2.52
N SER A 45 23.46 2.84 -2.45
CA SER A 45 22.57 1.82 -1.96
C SER A 45 22.65 1.84 -0.45
N PHE A 46 21.54 1.55 0.21
CA PHE A 46 21.51 1.55 1.66
C PHE A 46 21.15 0.21 2.21
N SER A 47 21.66 -0.10 3.38
CA SER A 47 21.27 -1.31 4.06
C SER A 47 19.78 -1.27 4.29
N MET A 48 19.13 -2.39 4.08
CA MET A 48 17.70 -2.47 4.28
C MET A 48 17.36 -2.53 5.74
N ASP A 49 16.19 -2.00 6.08
CA ASP A 49 15.71 -2.01 7.44
C ASP A 49 14.25 -2.45 7.56
N PRO A 50 13.96 -3.73 7.31
CA PRO A 50 12.65 -4.30 7.25
C PRO A 50 11.99 -4.35 8.63
N SER A 51 12.77 -4.08 9.68
CA SER A 51 12.20 -4.17 11.01
C SER A 51 11.06 -3.18 11.19
N LYS A 52 11.08 -2.11 10.41
CA LYS A 52 10.01 -1.11 10.51
C LYS A 52 8.68 -1.67 10.06
N PHE A 53 8.71 -2.69 9.22
CA PHE A 53 7.50 -3.23 8.66
C PHE A 53 7.25 -4.67 9.11
N THR A 54 8.29 -5.33 9.62
CA THR A 54 8.15 -6.72 10.00
C THR A 54 8.15 -6.94 11.51
N GLU A 55 8.78 -6.06 12.28
CA GLU A 55 8.78 -6.27 13.72
C GLU A 55 8.51 -5.00 14.52
N PRO A 56 7.37 -4.33 14.28
CA PRO A 56 6.98 -3.12 14.95
C PRO A 56 6.37 -3.42 16.29
N VAL A 57 7.12 -4.04 17.16
CA VAL A 57 6.54 -4.40 18.45
C VAL A 57 7.28 -3.78 19.58
N LYS A 58 6.54 -3.44 20.64
CA LYS A 58 7.15 -2.84 21.81
C LYS A 58 8.13 -3.79 22.48
N ASP A 59 7.69 -5.01 22.69
CA ASP A 59 8.48 -6.02 23.35
C ASP A 59 9.15 -6.90 22.33
N ILE A 60 10.47 -6.94 22.36
CA ILE A 60 11.22 -7.63 21.34
C ILE A 60 10.97 -9.12 21.34
N MET A 61 10.66 -9.63 20.16
CA MET A 61 10.46 -11.05 19.97
C MET A 61 11.75 -11.67 19.45
N LEU A 62 12.06 -12.86 19.91
CA LEU A 62 13.26 -13.54 19.46
C LEU A 62 12.91 -14.81 18.75
N LYS A 63 13.64 -15.12 17.70
CA LYS A 63 13.38 -16.39 17.04
C LYS A 63 13.65 -17.52 17.99
N GLY A 64 12.72 -18.45 18.05
CA GLY A 64 12.86 -19.62 18.88
C GLY A 64 12.14 -19.47 20.21
N ALA A 65 11.88 -18.23 20.59
CA ALA A 65 11.16 -17.97 21.81
C ALA A 65 9.67 -18.05 21.49
N PRO A 66 8.82 -18.38 22.46
CA PRO A 66 7.39 -18.32 22.33
C PRO A 66 6.97 -16.92 21.90
N ALA A 67 5.99 -16.86 21.02
CA ALA A 67 5.44 -15.58 20.59
C ALA A 67 4.42 -15.19 21.61
N LEU A 68 3.78 -16.20 22.12
CA LEU A 68 2.80 -16.07 23.16
C LEU A 68 3.38 -16.66 24.41
N ASN A 69 3.83 -15.80 25.30
CA ASN A 69 4.51 -16.21 26.49
C ASN A 69 3.56 -16.75 27.54
N GLY B 1 7.15 -14.17 36.93
CA GLY B 1 7.32 -14.25 35.49
C GLY B 1 6.50 -13.20 34.78
N TYR B 2 7.18 -12.20 34.23
CA TYR B 2 6.49 -11.11 33.57
C TYR B 2 6.07 -11.50 32.17
N SER B 3 5.02 -12.30 32.09
CA SER B 3 4.55 -12.81 30.82
C SER B 3 4.16 -11.72 29.87
N ASP B 4 4.52 -11.91 28.62
CA ASP B 4 4.18 -10.97 27.56
C ASP B 4 2.68 -10.91 27.30
N ARG B 5 1.93 -11.89 27.81
CA ARG B 5 0.49 -11.93 27.60
C ARG B 5 -0.27 -10.96 28.50
N VAL B 6 0.41 -10.44 29.53
CA VAL B 6 -0.25 -9.57 30.50
C VAL B 6 0.31 -8.16 30.45
N GLU B 7 -0.56 -7.18 30.25
CA GLU B 7 -0.10 -5.80 30.15
C GLU B 7 -0.98 -4.83 30.88
N GLN B 8 -0.37 -3.75 31.35
CA GLN B 8 -1.12 -2.63 31.89
C GLN B 8 -0.73 -1.37 31.20
N ILE B 9 -1.71 -0.61 30.78
CA ILE B 9 -1.47 0.66 30.16
C ILE B 9 -2.03 1.75 31.03
N THR B 10 -1.19 2.68 31.43
CA THR B 10 -1.67 3.80 32.21
C THR B 10 -1.45 5.05 31.45
N LEU B 11 -2.51 5.78 31.24
CA LEU B 11 -2.42 6.97 30.43
C LEU B 11 -3.38 8.00 30.98
N GLY B 12 -2.84 9.13 31.36
CA GLY B 12 -3.64 10.14 32.00
C GLY B 12 -4.20 9.59 33.28
N ASN B 13 -5.49 9.74 33.49
CA ASN B 13 -6.15 9.25 34.69
C ASN B 13 -6.94 7.99 34.43
N SER B 14 -6.56 7.24 33.40
CA SER B 14 -7.28 6.03 33.05
C SER B 14 -6.33 4.87 32.80
N THR B 15 -6.81 3.65 33.04
CA THR B 15 -5.97 2.50 32.80
C THR B 15 -6.67 1.40 32.05
N ILE B 16 -5.88 0.58 31.39
CA ILE B 16 -6.34 -0.63 30.76
C ILE B 16 -5.54 -1.82 31.27
N THR B 17 -6.22 -2.85 31.70
CA THR B 17 -5.53 -4.04 32.15
C THR B 17 -5.98 -5.24 31.35
N THR B 18 -5.02 -5.97 30.79
CA THR B 18 -5.34 -7.15 30.02
C THR B 18 -4.59 -8.35 30.51
N GLN B 19 -5.19 -9.52 30.37
CA GLN B 19 -4.52 -10.75 30.75
C GLN B 19 -4.22 -11.64 29.54
N GLU B 20 -4.98 -11.46 28.47
CA GLU B 20 -4.78 -12.26 27.28
C GLU B 20 -4.55 -11.38 26.07
N ALA B 21 -3.32 -10.95 25.88
CA ALA B 21 -3.02 -9.99 24.85
C ALA B 21 -1.75 -10.33 24.10
N ALA B 22 -1.69 -9.91 22.85
CA ALA B 22 -0.48 -10.03 22.07
C ALA B 22 0.38 -8.79 22.28
N ASN B 23 1.67 -8.90 22.03
CA ASN B 23 2.55 -7.75 22.16
C ASN B 23 1.99 -6.57 21.43
N SER B 24 2.00 -5.42 22.06
CA SER B 24 1.48 -4.22 21.40
C SER B 24 2.35 -3.82 20.23
N ILE B 25 1.75 -3.11 19.29
CA ILE B 25 2.45 -2.64 18.11
C ILE B 25 2.74 -1.19 18.11
N VAL B 26 3.94 -0.84 17.74
CA VAL B 26 4.29 0.55 17.59
C VAL B 26 4.45 0.81 16.13
N ALA B 27 3.50 1.48 15.54
CA ALA B 27 3.44 1.59 14.11
C ALA B 27 4.72 2.14 13.55
N TYR B 28 5.22 1.45 12.53
CA TYR B 28 6.42 1.81 11.82
C TYR B 28 7.65 1.90 12.70
N GLY B 29 7.57 1.36 13.92
CA GLY B 29 8.71 1.30 14.81
C GLY B 29 8.99 2.62 15.50
N GLU B 30 8.10 3.60 15.37
CA GLU B 30 8.31 4.92 15.96
C GLU B 30 7.29 5.30 17.02
N TRP B 31 7.76 5.53 18.24
CA TRP B 31 6.91 5.95 19.32
C TRP B 31 6.48 7.42 19.07
N PRO B 32 5.22 7.79 19.34
CA PRO B 32 4.69 9.12 19.23
C PRO B 32 5.52 10.13 20.02
N SER B 33 5.61 11.36 19.49
CA SER B 33 6.37 12.43 20.17
C SER B 33 5.93 13.82 19.74
N PHE B 34 6.43 14.84 20.44
CA PHE B 34 6.13 16.25 20.14
C PHE B 34 6.91 16.79 18.95
N LEU B 35 6.35 17.83 18.32
CA LEU B 35 6.97 18.49 17.17
C LEU B 35 8.27 19.18 17.55
N SER B 36 9.33 18.93 16.78
CA SER B 36 10.62 19.59 17.07
C SER B 36 10.67 20.98 16.50
N ASP B 37 11.62 21.77 16.98
CA ASP B 37 11.85 23.11 16.44
C ASP B 37 12.24 23.07 14.98
N VAL B 38 12.95 22.04 14.60
CA VAL B 38 13.41 21.85 13.24
C VAL B 38 12.25 21.61 12.29
N ASP B 39 11.28 20.84 12.73
CA ASP B 39 10.15 20.51 11.88
C ASP B 39 9.10 21.62 11.87
N ALA B 40 8.97 22.32 12.98
CA ALA B 40 7.93 23.31 13.15
C ALA B 40 8.01 24.44 12.14
N SER B 41 6.83 24.90 11.69
CA SER B 41 6.74 26.04 10.79
C SER B 41 5.73 27.08 11.28
N ASP B 42 4.91 26.71 12.26
CA ASP B 42 3.85 27.58 12.73
C ASP B 42 4.33 28.44 13.88
N VAL B 43 4.37 29.75 13.68
CA VAL B 43 4.92 30.61 14.71
C VAL B 43 3.93 31.03 15.76
N ASN B 44 3.57 30.08 16.61
CA ASN B 44 2.70 30.31 17.76
C ASN B 44 3.12 29.41 18.89
N LYS B 45 3.09 29.91 20.09
CA LYS B 45 3.35 29.03 21.20
C LYS B 45 2.27 27.98 21.21
N THR B 46 2.66 26.72 21.27
CA THR B 46 1.67 25.66 21.20
C THR B 46 1.02 25.39 22.54
N THR B 47 -0.08 24.68 22.50
CA THR B 47 -0.81 24.27 23.67
C THR B 47 -0.70 22.79 23.85
N LYS B 48 -0.44 22.38 25.07
CA LYS B 48 -0.28 20.98 25.39
C LYS B 48 -1.22 20.59 26.53
N PRO B 49 -2.47 20.18 26.23
CA PRO B 49 -3.53 19.84 27.17
C PRO B 49 -3.10 18.74 28.13
N ASP B 50 -2.06 18.03 27.77
CA ASP B 50 -1.52 17.01 28.61
C ASP B 50 -2.55 15.97 28.99
N THR B 51 -2.60 15.62 30.27
CA THR B 51 -3.43 14.58 30.77
C THR B 51 -4.89 14.94 30.90
N SER B 52 -5.26 16.17 30.55
CA SER B 52 -6.65 16.48 30.54
C SER B 52 -7.30 15.91 29.30
N ALA B 53 -6.47 15.65 28.28
CA ALA B 53 -6.97 15.11 27.02
C ALA B 53 -6.42 13.74 26.74
N CYS B 54 -5.16 13.52 27.10
CA CYS B 54 -4.49 12.25 26.79
C CYS B 54 -4.86 11.16 27.76
N ARG B 55 -6.07 10.68 27.61
CA ARG B 55 -6.63 9.64 28.45
C ARG B 55 -7.49 8.75 27.60
N PHE B 56 -7.91 7.62 28.10
CA PHE B 56 -8.70 6.74 27.28
C PHE B 56 -10.14 7.12 27.18
N TYR B 57 -10.66 7.06 25.97
CA TYR B 57 -12.06 7.28 25.71
C TYR B 57 -12.63 6.01 25.15
N THR B 58 -13.83 5.65 25.54
CA THR B 58 -14.42 4.43 25.02
C THR B 58 -15.60 4.72 24.13
N LEU B 59 -15.57 4.14 22.95
CA LEU B 59 -16.61 4.31 21.96
C LEU B 59 -17.67 3.26 22.17
N ASP B 60 -18.89 3.56 21.74
CA ASP B 60 -19.96 2.59 21.89
C ASP B 60 -19.59 1.28 21.26
N SER B 61 -19.88 0.20 21.96
CA SER B 61 -19.58 -1.12 21.46
C SER B 61 -20.53 -1.49 20.37
N LYS B 62 -20.13 -2.47 19.57
CA LYS B 62 -20.98 -2.99 18.51
C LYS B 62 -21.04 -4.49 18.56
N MET B 63 -22.15 -5.06 18.14
CA MET B 63 -22.26 -6.50 18.20
C MET B 63 -21.69 -7.18 17.00
N TRP B 64 -20.88 -8.19 17.25
CA TRP B 64 -20.31 -9.00 16.22
C TRP B 64 -21.06 -10.31 16.15
N THR B 65 -21.77 -10.53 15.06
CA THR B 65 -22.58 -11.71 14.91
C THR B 65 -22.34 -12.30 13.55
N GLN B 66 -22.82 -13.48 13.29
CA GLN B 66 -22.67 -14.06 11.98
C GLN B 66 -23.29 -13.16 10.95
N GLY B 67 -22.59 -12.93 9.85
CA GLY B 67 -23.07 -12.08 8.78
C GLY B 67 -22.52 -10.65 8.86
N SER B 68 -21.91 -10.29 9.99
CA SER B 68 -21.37 -8.93 10.14
C SER B 68 -20.28 -8.70 9.12
N LYS B 69 -20.22 -7.49 8.57
CA LYS B 69 -19.20 -7.19 7.56
C LYS B 69 -17.97 -6.49 8.11
N GLY B 70 -18.09 -5.90 9.29
CA GLY B 70 -16.99 -5.14 9.88
C GLY B 70 -17.34 -3.68 10.04
N TRP B 71 -16.44 -2.93 10.66
CA TRP B 71 -16.72 -1.54 10.98
C TRP B 71 -15.52 -0.63 10.71
N CYS B 72 -15.77 0.66 10.49
CA CYS B 72 -14.70 1.62 10.29
C CYS B 72 -14.85 2.93 11.07
N TRP B 73 -13.80 3.32 11.77
CA TRP B 73 -13.79 4.59 12.49
C TRP B 73 -12.73 5.52 11.97
N LYS B 74 -13.01 6.80 11.99
CA LYS B 74 -12.02 7.76 11.56
C LYS B 74 -11.45 8.51 12.73
N LEU B 75 -10.16 8.75 12.71
CA LEU B 75 -9.56 9.58 13.71
C LEU B 75 -9.02 10.85 13.08
N PRO B 76 -9.13 11.99 13.77
CA PRO B 76 -9.62 12.22 15.12
C PRO B 76 -11.14 12.31 15.22
N ASP B 77 -11.84 12.15 14.11
CA ASP B 77 -13.28 12.38 14.08
C ASP B 77 -14.05 11.65 15.17
N ALA B 78 -13.69 10.41 15.43
CA ALA B 78 -14.41 9.58 16.39
C ALA B 78 -14.47 10.18 17.77
N LEU B 79 -13.48 10.99 18.11
CA LEU B 79 -13.39 11.55 19.42
C LEU B 79 -13.88 12.99 19.48
N LYS B 80 -14.44 13.49 18.38
CA LYS B 80 -14.81 14.90 18.31
C LYS B 80 -15.84 15.33 19.34
N ASP B 81 -16.61 14.39 19.84
CA ASP B 81 -17.63 14.71 20.81
C ASP B 81 -17.28 14.27 22.21
N MET B 82 -16.03 13.86 22.43
CA MET B 82 -15.69 13.30 23.72
C MET B 82 -14.71 14.13 24.54
N GLY B 83 -15.15 14.54 25.71
CA GLY B 83 -14.29 15.21 26.68
C GLY B 83 -13.74 16.52 26.19
N ILE B 84 -12.72 16.99 26.88
CA ILE B 84 -12.09 18.24 26.53
C ILE B 84 -11.42 18.13 25.18
N PHE B 85 -11.00 16.93 24.82
CA PHE B 85 -10.38 16.71 23.53
C PHE B 85 -11.32 17.15 22.45
N GLY B 86 -12.54 16.66 22.52
CA GLY B 86 -13.53 16.99 21.54
C GLY B 86 -13.76 18.49 21.46
N GLN B 87 -13.71 19.18 22.60
CA GLN B 87 -13.91 20.62 22.56
C GLN B 87 -12.72 21.33 21.96
N ASN B 88 -11.52 20.89 22.32
CA ASN B 88 -10.32 21.54 21.84
C ASN B 88 -10.23 21.46 20.33
N MET B 89 -10.72 20.37 19.79
CA MET B 89 -10.69 20.14 18.38
C MET B 89 -11.37 21.25 17.58
N PHE B 90 -12.31 21.96 18.18
CA PHE B 90 -13.04 22.97 17.45
C PHE B 90 -12.61 24.39 17.79
N PHE B 91 -11.63 24.53 18.67
CA PHE B 91 -11.14 25.86 19.03
C PHE B 91 -9.77 26.09 18.49
N HIS B 92 -9.09 25.01 18.20
CA HIS B 92 -7.74 25.12 17.72
C HIS B 92 -7.68 24.96 16.20
N SER B 93 -7.01 25.91 15.56
CA SER B 93 -6.95 25.95 14.11
C SER B 93 -6.17 24.79 13.50
N GLN B 94 -5.27 24.23 14.27
CA GLN B 94 -4.48 23.11 13.79
C GLN B 94 -3.92 22.32 14.95
N GLY B 95 -3.50 21.10 14.68
CA GLY B 95 -2.92 20.29 15.74
C GLY B 95 -2.37 18.98 15.25
N ARG B 96 -1.80 18.23 16.18
CA ARG B 96 -1.23 16.94 15.88
C ARG B 96 -1.38 15.99 17.03
N THR B 97 -1.68 14.76 16.68
CA THR B 97 -1.89 13.71 17.65
C THR B 97 -1.21 12.43 17.30
N GLY B 98 -0.92 11.65 18.31
CA GLY B 98 -0.61 10.25 18.16
C GLY B 98 -1.70 9.52 18.87
N TYR B 99 -1.83 8.22 18.66
CA TYR B 99 -2.89 7.48 19.36
C TYR B 99 -2.47 6.17 19.94
N THR B 100 -3.18 5.77 20.97
CA THR B 100 -3.16 4.40 21.42
C THR B 100 -4.52 3.83 21.15
N ILE B 101 -4.59 2.84 20.29
CA ILE B 101 -5.84 2.26 19.88
C ILE B 101 -5.96 0.86 20.40
N HIS B 102 -7.00 0.61 21.16
CA HIS B 102 -7.18 -0.66 21.81
C HIS B 102 -8.55 -1.27 21.47
N VAL B 103 -8.54 -2.47 20.90
CA VAL B 103 -9.77 -3.13 20.50
C VAL B 103 -9.99 -4.37 21.34
N GLN B 104 -11.19 -4.50 21.92
CA GLN B 104 -11.48 -5.60 22.81
C GLN B 104 -12.61 -6.48 22.30
N CYS B 105 -12.50 -7.80 22.52
CA CYS B 105 -13.55 -8.72 22.13
C CYS B 105 -13.49 -10.02 22.93
N ASN B 106 -14.42 -10.21 23.86
CA ASN B 106 -14.36 -11.38 24.77
C ASN B 106 -15.00 -12.63 24.20
N ALA B 107 -14.53 -13.78 24.65
CA ALA B 107 -15.09 -15.05 24.25
C ALA B 107 -14.59 -16.15 25.16
N THR B 108 -15.18 -17.34 25.04
CA THR B 108 -14.72 -18.46 25.83
C THR B 108 -13.91 -19.40 24.97
N LYS B 109 -13.41 -20.45 25.57
CA LYS B 109 -12.66 -21.45 24.84
C LYS B 109 -13.50 -22.20 23.81
N PHE B 110 -14.83 -22.10 23.92
CA PHE B 110 -15.71 -22.80 23.02
C PHE B 110 -16.07 -21.96 21.81
N HIS B 111 -15.48 -20.77 21.70
CA HIS B 111 -15.75 -19.92 20.57
C HIS B 111 -14.63 -19.94 19.56
N SER B 112 -14.97 -19.68 18.32
CA SER B 112 -14.02 -19.54 17.24
C SER B 112 -14.26 -18.24 16.55
N GLY B 113 -13.28 -17.77 15.81
CA GLY B 113 -13.45 -16.52 15.07
C GLY B 113 -12.20 -15.70 15.07
N CYS B 114 -12.15 -14.73 14.17
CA CYS B 114 -10.96 -13.89 14.01
C CYS B 114 -11.26 -12.51 13.47
N LEU B 115 -10.81 -11.47 14.20
CA LEU B 115 -10.92 -10.09 13.72
C LEU B 115 -9.60 -9.61 13.23
N LEU B 116 -9.62 -8.84 12.18
CA LEU B 116 -8.43 -8.15 11.73
C LEU B 116 -8.53 -6.68 12.01
N VAL B 117 -7.62 -6.18 12.84
CA VAL B 117 -7.61 -4.78 13.21
C VAL B 117 -6.48 -4.07 12.49
N VAL B 118 -6.82 -3.08 11.66
CA VAL B 118 -5.82 -2.40 10.84
C VAL B 118 -5.93 -0.90 10.95
N VAL B 119 -4.80 -0.21 11.07
CA VAL B 119 -4.84 1.24 11.05
C VAL B 119 -4.28 1.77 9.74
N ILE B 120 -5.13 2.41 8.96
CA ILE B 120 -4.74 2.87 7.64
C ILE B 120 -4.73 4.39 7.54
N PRO B 121 -3.59 5.04 7.30
CA PRO B 121 -3.50 6.45 7.13
C PRO B 121 -4.06 6.85 5.77
N GLU B 122 -4.70 8.01 5.72
CA GLU B 122 -5.20 8.57 4.47
C GLU B 122 -6.06 7.58 3.67
N HIS B 123 -6.96 6.91 4.35
CA HIS B 123 -7.80 5.93 3.68
C HIS B 123 -8.90 6.58 2.86
N GLN B 124 -8.54 7.11 1.71
CA GLN B 124 -9.52 7.80 0.87
C GLN B 124 -10.57 6.80 0.39
N LEU B 125 -11.85 7.10 0.63
CA LEU B 125 -12.93 6.13 0.37
C LEU B 125 -13.58 6.26 -1.00
N ALA B 126 -13.98 5.11 -1.55
CA ALA B 126 -14.76 5.08 -2.79
C ALA B 126 -16.22 5.30 -2.51
N SER B 127 -16.90 6.06 -3.36
CA SER B 127 -18.34 6.32 -3.20
C SER B 127 -19.19 5.19 -3.68
N ALA B 128 -20.31 4.99 -3.00
CA ALA B 128 -21.29 3.99 -3.38
C ALA B 128 -21.79 4.17 -4.80
N GLU B 129 -21.82 5.42 -5.29
CA GLU B 129 -22.36 5.66 -6.63
C GLU B 129 -21.29 5.54 -7.73
N GLY B 130 -20.04 5.38 -7.33
CA GLY B 130 -18.96 5.30 -8.31
C GLY B 130 -18.89 6.55 -9.19
N GLY B 131 -18.46 6.37 -10.42
CA GLY B 131 -18.38 7.48 -11.37
C GLY B 131 -17.58 8.65 -10.82
N ASN B 132 -18.14 9.85 -10.97
CA ASN B 132 -17.51 11.08 -10.52
C ASN B 132 -18.01 11.52 -9.16
N VAL B 133 -18.71 10.65 -8.48
CA VAL B 133 -19.32 11.01 -7.23
C VAL B 133 -18.36 10.95 -6.07
N SER B 134 -18.36 12.01 -5.28
CA SER B 134 -17.54 12.10 -4.09
C SER B 134 -18.36 11.73 -2.89
N VAL B 135 -17.72 11.24 -1.85
CA VAL B 135 -18.44 10.96 -0.62
C VAL B 135 -18.62 12.27 0.12
N LEU B 136 -19.84 12.55 0.55
CA LEU B 136 -20.13 13.82 1.23
C LEU B 136 -19.54 13.87 2.62
N TYR B 137 -19.28 15.08 3.11
CA TYR B 137 -18.71 15.27 4.44
C TYR B 137 -19.48 14.50 5.48
N ASP B 138 -20.79 14.60 5.38
CA ASP B 138 -21.70 14.03 6.35
C ASP B 138 -21.49 12.51 6.53
N LYS B 139 -20.94 11.84 5.51
CA LYS B 139 -20.77 10.39 5.55
C LYS B 139 -19.34 9.93 5.81
N THR B 140 -18.42 10.86 6.03
CA THR B 140 -17.04 10.50 6.33
C THR B 140 -16.67 10.95 7.73
N HIS B 141 -17.59 11.67 8.35
CA HIS B 141 -17.43 12.20 9.69
C HIS B 141 -18.63 11.88 10.60
N PRO B 142 -18.91 10.59 10.90
CA PRO B 142 -20.01 10.11 11.67
C PRO B 142 -19.78 10.17 13.20
N GLY B 143 -18.58 10.58 13.62
CA GLY B 143 -18.24 10.60 15.04
C GLY B 143 -18.10 9.22 15.67
N GLU B 144 -18.71 9.04 16.85
CA GLU B 144 -18.58 7.79 17.61
C GLU B 144 -19.15 6.62 16.85
N LYS B 145 -20.23 6.86 16.12
CA LYS B 145 -20.83 5.80 15.32
C LYS B 145 -19.93 5.62 14.12
N GLY B 146 -19.33 4.44 14.00
CA GLY B 146 -18.43 4.22 12.88
C GLY B 146 -19.23 3.90 11.67
N ILE B 147 -18.55 3.60 10.59
CA ILE B 147 -19.23 3.22 9.41
C ILE B 147 -19.45 1.75 9.47
N ASP B 148 -20.68 1.35 9.61
CA ASP B 148 -20.98 -0.06 9.74
C ASP B 148 -21.09 -0.64 8.37
N LEU B 149 -20.20 -1.55 8.05
CA LEU B 149 -20.12 -2.06 6.69
C LEU B 149 -21.30 -2.99 6.42
N SER B 150 -22.08 -3.29 7.45
CA SER B 150 -23.20 -4.16 7.34
C SER B 150 -24.44 -3.38 6.90
N GLU B 151 -24.38 -2.04 6.99
CA GLU B 151 -25.55 -1.21 6.68
C GLU B 151 -25.58 -0.78 5.23
N ALA B 152 -26.77 -0.80 4.65
CA ALA B 152 -26.98 -0.35 3.29
C ALA B 152 -26.95 1.17 3.21
N ASP B 153 -26.53 1.67 2.06
CA ASP B 153 -26.55 3.09 1.76
C ASP B 153 -26.44 3.27 0.26
N SER B 154 -26.59 4.50 -0.21
CA SER B 154 -26.43 4.79 -1.61
C SER B 154 -25.71 6.09 -1.77
N THR B 155 -25.46 6.74 -0.65
CA THR B 155 -24.76 8.02 -0.65
C THR B 155 -23.45 7.91 0.09
N GLY B 156 -23.29 6.82 0.80
CA GLY B 156 -22.12 6.59 1.61
C GLY B 156 -21.06 5.96 0.74
N PRO B 157 -19.96 5.51 1.34
CA PRO B 157 -18.88 4.82 0.72
C PRO B 157 -19.27 3.40 0.40
N MET B 158 -18.52 2.73 -0.45
CA MET B 158 -18.76 1.32 -0.70
C MET B 158 -18.42 0.51 0.53
N LYS B 159 -19.22 -0.55 0.77
CA LYS B 159 -19.12 -1.28 2.02
C LYS B 159 -18.53 -2.71 1.93
N ASP B 160 -18.13 -3.15 0.74
CA ASP B 160 -17.68 -4.55 0.59
C ASP B 160 -16.22 -4.75 1.04
N PRO B 161 -15.97 -5.40 2.20
CA PRO B 161 -14.71 -5.50 2.88
C PRO B 161 -13.64 -6.20 2.05
N LEU B 162 -14.03 -6.96 1.04
CA LEU B 162 -13.04 -7.63 0.22
C LEU B 162 -12.11 -6.64 -0.41
N TYR B 163 -12.67 -5.48 -0.77
CA TYR B 163 -11.92 -4.44 -1.44
C TYR B 163 -11.66 -3.30 -0.51
N MET B 164 -11.69 -3.60 0.79
CA MET B 164 -11.62 -2.59 1.78
C MET B 164 -12.67 -1.59 1.42
N MET B 165 -12.30 -0.35 1.29
CA MET B 165 -13.26 0.62 0.88
C MET B 165 -12.66 1.46 -0.23
N ASP B 166 -11.60 0.94 -0.88
CA ASP B 166 -10.86 1.73 -1.88
C ASP B 166 -10.33 0.98 -3.10
N GLY B 167 -10.69 -0.28 -3.28
CA GLY B 167 -10.25 -1.00 -4.48
C GLY B 167 -9.02 -1.88 -4.28
N THR B 168 -8.36 -1.76 -3.13
CA THR B 168 -7.24 -2.65 -2.83
C THR B 168 -7.84 -3.92 -2.28
N LEU B 169 -7.08 -5.01 -2.21
CA LEU B 169 -7.64 -6.21 -1.58
C LEU B 169 -7.27 -6.29 -0.14
N ILE B 170 -8.19 -6.79 0.66
CA ILE B 170 -7.98 -6.95 2.09
C ILE B 170 -6.78 -7.81 2.42
N GLY B 171 -6.46 -8.74 1.54
CA GLY B 171 -5.35 -9.62 1.77
C GLY B 171 -4.05 -8.88 1.93
N ASN B 172 -3.94 -7.73 1.29
CA ASN B 172 -2.71 -6.96 1.32
C ASN B 172 -2.80 -5.80 2.28
N SER B 173 -3.86 -5.74 3.07
CA SER B 173 -4.03 -4.64 4.01
C SER B 173 -3.10 -4.83 5.17
N LEU B 174 -2.50 -6.00 5.24
CA LEU B 174 -1.60 -6.35 6.31
C LEU B 174 -0.27 -5.62 6.21
N ILE B 175 -0.07 -4.89 5.11
CA ILE B 175 1.09 -4.03 5.00
C ILE B 175 1.04 -2.91 6.04
N PHE B 176 -0.17 -2.52 6.42
CA PHE B 176 -0.39 -1.47 7.38
C PHE B 176 -0.25 -2.05 8.77
N PRO B 177 0.04 -1.25 9.81
CA PRO B 177 0.09 -1.70 11.16
C PRO B 177 -1.19 -2.42 11.45
N HIS B 178 -1.07 -3.62 11.99
CA HIS B 178 -2.25 -4.41 12.22
C HIS B 178 -2.02 -5.44 13.25
N GLN B 179 -3.10 -5.97 13.77
CA GLN B 179 -2.99 -7.06 14.72
C GLN B 179 -4.27 -7.88 14.66
N PHE B 180 -4.17 -9.17 14.91
CA PHE B 180 -5.36 -10.00 14.83
C PHE B 180 -5.88 -10.34 16.18
N ILE B 181 -7.16 -10.54 16.28
CA ILE B 181 -7.74 -11.05 17.49
C ILE B 181 -8.35 -12.40 17.25
N ASN B 182 -7.67 -13.45 17.71
CA ASN B 182 -8.20 -14.79 17.58
C ASN B 182 -8.85 -15.13 18.85
N LEU B 183 -10.12 -15.46 18.81
CA LEU B 183 -10.83 -15.64 20.05
C LEU B 183 -10.21 -16.76 20.89
N ARG B 184 -9.59 -17.73 20.23
CA ARG B 184 -8.97 -18.84 20.93
C ARG B 184 -7.69 -18.45 21.69
N THR B 185 -7.11 -17.29 21.35
CA THR B 185 -5.81 -16.93 21.93
C THR B 185 -5.80 -15.63 22.70
N ASN B 186 -6.42 -14.60 22.15
CA ASN B 186 -6.31 -13.27 22.72
C ASN B 186 -7.60 -12.53 22.55
N ASN B 187 -7.92 -11.67 23.50
CA ASN B 187 -9.15 -10.92 23.40
C ASN B 187 -8.91 -9.46 23.14
N THR B 188 -7.66 -9.08 22.99
CA THR B 188 -7.36 -7.69 22.73
C THR B 188 -6.32 -7.49 21.67
N ALA B 189 -6.35 -6.30 21.08
CA ALA B 189 -5.32 -5.86 20.18
C ALA B 189 -4.97 -4.42 20.48
N THR B 190 -3.69 -4.10 20.47
CA THR B 190 -3.27 -2.73 20.79
C THR B 190 -2.28 -2.19 19.78
N ILE B 191 -2.59 -1.02 19.21
CA ILE B 191 -1.70 -0.39 18.25
C ILE B 191 -1.42 1.06 18.64
N VAL B 192 -0.15 1.42 18.70
CA VAL B 192 0.26 2.78 19.00
C VAL B 192 0.73 3.45 17.73
N VAL B 193 0.12 4.58 17.39
CA VAL B 193 0.41 5.20 16.11
C VAL B 193 0.92 6.64 16.27
N PRO B 194 2.09 6.99 15.73
CA PRO B 194 2.69 8.29 15.74
C PRO B 194 1.96 9.18 14.79
N TYR B 195 2.11 10.47 14.93
CA TYR B 195 1.50 11.36 13.96
C TYR B 195 2.11 11.13 12.60
N ILE B 196 1.28 10.89 11.59
CA ILE B 196 1.76 10.69 10.24
C ILE B 196 1.09 11.64 9.28
N ASN B 197 1.87 12.53 8.71
CA ASN B 197 1.35 13.51 7.77
C ASN B 197 2.47 14.15 6.98
N SER B 198 2.10 14.87 5.93
CA SER B 198 3.04 15.60 5.11
C SER B 198 3.39 16.98 5.68
N VAL B 199 2.67 17.39 6.71
CA VAL B 199 2.87 18.70 7.33
C VAL B 199 3.03 18.55 8.83
N PRO B 200 3.74 19.48 9.51
CA PRO B 200 3.93 19.52 10.94
C PRO B 200 2.62 19.34 11.71
N MET B 201 1.65 20.17 11.38
CA MET B 201 0.37 20.23 12.08
C MET B 201 -0.71 20.41 11.05
N ASP B 202 -1.94 20.05 11.36
CA ASP B 202 -3.00 20.23 10.37
C ASP B 202 -4.36 20.39 11.01
N SER B 203 -5.34 20.66 10.19
CA SER B 203 -6.72 20.79 10.67
C SER B 203 -7.15 19.50 11.28
N MET B 204 -7.92 19.58 12.33
CA MET B 204 -8.44 18.39 12.93
C MET B 204 -9.91 18.19 12.60
N THR B 205 -10.44 19.02 11.69
CA THR B 205 -11.85 18.94 11.36
C THR B 205 -12.13 18.65 9.88
N ARG B 206 -11.30 19.18 8.98
CA ARG B 206 -11.54 18.97 7.56
C ARG B 206 -10.80 17.76 7.00
N HIS B 207 -10.00 17.13 7.85
CA HIS B 207 -9.12 16.05 7.40
C HIS B 207 -8.90 15.01 8.45
N ASN B 208 -9.03 13.74 8.07
CA ASN B 208 -8.74 12.64 8.98
C ASN B 208 -7.33 12.12 8.76
N ASN B 209 -6.74 11.53 9.79
CA ASN B 209 -5.44 10.91 9.66
C ASN B 209 -5.65 9.44 9.40
N LEU B 210 -6.29 8.87 10.40
CA LEU B 210 -6.12 7.44 10.55
C LEU B 210 -7.46 6.80 10.39
N SER B 211 -7.52 5.69 9.73
CA SER B 211 -8.77 5.01 9.60
C SER B 211 -8.67 3.63 10.21
N LEU B 212 -9.45 3.40 11.23
CA LEU B 212 -9.39 2.15 11.95
C LEU B 212 -10.36 1.16 11.42
N MET B 213 -9.86 0.08 10.86
CA MET B 213 -10.72 -0.93 10.32
C MET B 213 -10.75 -2.11 11.23
N VAL B 214 -11.93 -2.61 11.49
CA VAL B 214 -12.07 -3.85 12.21
C VAL B 214 -12.94 -4.77 11.39
N ILE B 215 -12.31 -5.71 10.72
CA ILE B 215 -13.03 -6.57 9.79
C ILE B 215 -12.88 -8.01 10.18
N PRO B 216 -13.96 -8.75 10.41
CA PRO B 216 -13.93 -10.14 10.72
C PRO B 216 -13.46 -10.89 9.53
N ILE B 217 -12.54 -11.78 9.75
CA ILE B 217 -12.04 -12.64 8.71
C ILE B 217 -12.70 -13.96 8.81
N VAL B 218 -12.82 -14.44 10.05
CA VAL B 218 -13.50 -15.70 10.32
C VAL B 218 -14.69 -15.43 11.23
N ASP B 219 -15.86 -15.83 10.79
CA ASP B 219 -17.11 -15.56 11.49
C ASP B 219 -17.10 -16.14 12.88
N ILE B 220 -17.86 -15.56 13.80
CA ILE B 220 -17.91 -16.12 15.13
C ILE B 220 -18.74 -17.35 15.12
N THR B 221 -18.20 -18.42 15.60
CA THR B 221 -18.95 -19.63 15.72
C THR B 221 -18.74 -20.18 17.08
N ALA B 222 -19.43 -21.24 17.41
CA ALA B 222 -19.27 -21.88 18.68
C ALA B 222 -19.40 -23.35 18.49
N THR B 223 -18.82 -24.11 19.39
CA THR B 223 -18.88 -25.55 19.25
C THR B 223 -20.32 -26.06 19.32
N SER B 224 -21.16 -25.34 20.04
CA SER B 224 -22.57 -25.69 20.14
C SER B 224 -23.40 -24.48 20.50
N GLY B 225 -24.71 -24.58 20.28
CA GLY B 225 -25.62 -23.49 20.65
C GLY B 225 -26.00 -22.65 19.44
N THR B 226 -26.79 -21.61 19.68
CA THR B 226 -27.31 -20.75 18.63
C THR B 226 -26.27 -19.73 18.21
N THR B 227 -26.55 -18.99 17.14
CA THR B 227 -25.62 -17.98 16.71
C THR B 227 -25.23 -17.08 17.87
N PRO B 228 -23.93 -16.97 18.20
CA PRO B 228 -23.39 -16.19 19.26
C PRO B 228 -23.41 -14.72 18.91
N SER B 229 -23.42 -13.89 19.93
CA SER B 229 -23.27 -12.46 19.73
C SER B 229 -22.23 -11.91 20.70
N ILE B 230 -21.15 -11.41 20.17
CA ILE B 230 -20.07 -10.92 21.00
C ILE B 230 -19.85 -9.44 20.76
N PRO B 231 -19.89 -8.59 21.78
CA PRO B 231 -19.66 -7.19 21.66
C PRO B 231 -18.23 -6.92 21.35
N VAL B 232 -17.98 -5.87 20.58
CA VAL B 232 -16.65 -5.40 20.31
C VAL B 232 -16.54 -3.97 20.76
N THR B 233 -15.57 -3.70 21.61
CA THR B 233 -15.42 -2.38 22.21
C THR B 233 -14.12 -1.75 21.83
N ILE B 234 -14.16 -0.48 21.48
CA ILE B 234 -12.96 0.21 21.10
C ILE B 234 -12.63 1.38 22.00
N THR B 235 -11.41 1.38 22.52
CA THR B 235 -10.94 2.42 23.40
C THR B 235 -9.73 3.13 22.79
N ILE B 236 -9.81 4.46 22.70
CA ILE B 236 -8.77 5.24 22.02
C ILE B 236 -8.30 6.42 22.85
N ALA B 237 -6.99 6.65 22.87
CA ALA B 237 -6.47 7.84 23.54
C ALA B 237 -5.46 8.57 22.70
N PRO B 238 -5.45 9.91 22.69
CA PRO B 238 -4.40 10.75 22.20
C PRO B 238 -3.13 10.50 23.00
N MET B 239 -1.98 10.56 22.35
CA MET B 239 -0.70 10.38 23.05
C MET B 239 -0.02 11.69 23.44
N PHE B 240 0.34 12.47 22.45
CA PHE B 240 1.06 13.72 22.68
C PHE B 240 0.38 14.86 22.00
N LEU B 241 -0.81 15.14 22.44
CA LEU B 241 -1.62 16.16 21.84
C LEU B 241 -0.94 17.50 21.88
N GLU B 242 -0.83 18.13 20.72
CA GLU B 242 -0.24 19.45 20.60
C GLU B 242 -1.08 20.29 19.66
N LEU B 243 -1.52 21.44 20.14
CA LEU B 243 -2.47 22.27 19.40
C LEU B 243 -1.94 23.68 19.16
N SER B 244 -2.46 24.37 18.12
CA SER B 244 -2.06 25.77 17.89
C SER B 244 -3.13 26.64 17.23
N GLY B 245 -3.17 27.91 17.66
CA GLY B 245 -4.01 28.95 17.08
C GLY B 245 -5.38 28.91 17.69
N ILE B 246 -5.85 30.02 18.23
CA ILE B 246 -7.17 30.04 18.85
C ILE B 246 -8.17 30.82 18.03
N ARG B 247 -9.31 30.22 17.82
CA ARG B 247 -10.38 30.84 17.07
C ARG B 247 -11.71 30.58 17.74
N SER B 248 -12.76 31.23 17.26
CA SER B 248 -14.07 30.96 17.82
C SER B 248 -14.42 29.53 17.51
N LYS B 249 -15.33 28.95 18.26
CA LYS B 249 -15.61 27.54 18.02
C LYS B 249 -16.04 27.33 16.59
N ALA B 250 -15.39 26.40 15.92
CA ALA B 250 -15.71 26.09 14.56
C ALA B 250 -17.12 25.55 14.47
N VAL B 251 -17.81 25.90 13.41
CA VAL B 251 -19.14 25.41 13.20
C VAL B 251 -19.17 24.52 11.98
N ILE B 252 -19.62 23.30 12.18
CA ILE B 252 -19.63 22.32 11.13
C ILE B 252 -21.01 22.22 10.52
N GLN C 16 31.30 -11.00 1.53
CA GLN C 16 30.04 -10.95 0.81
C GLN C 16 28.92 -11.53 1.65
N THR C 17 27.75 -10.94 1.54
CA THR C 17 26.60 -11.39 2.30
C THR C 17 26.25 -12.83 2.00
N LEU C 18 26.06 -13.63 3.06
CA LEU C 18 25.68 -15.02 2.88
C LEU C 18 24.19 -15.17 2.75
N ALA C 19 23.78 -16.11 1.93
CA ALA C 19 22.38 -16.43 1.76
C ALA C 19 21.96 -17.42 2.79
N SER C 20 22.85 -18.34 3.08
CA SER C 20 22.59 -19.41 4.01
C SER C 20 23.86 -19.91 4.60
N ILE C 21 23.79 -20.42 5.82
CA ILE C 21 24.94 -20.99 6.48
C ILE C 21 24.72 -22.45 6.76
N LYS C 22 25.80 -23.22 6.78
CA LYS C 22 25.69 -24.63 7.09
C LYS C 22 24.97 -24.85 8.39
N SER C 23 24.01 -25.76 8.37
CA SER C 23 23.26 -26.08 9.57
C SER C 23 22.86 -27.52 9.54
N ASP C 24 23.14 -28.22 10.63
CA ASP C 24 22.86 -29.64 10.74
C ASP C 24 21.61 -29.92 11.57
N SER C 25 21.12 -31.16 11.53
CA SER C 25 19.97 -31.60 12.30
C SER C 25 20.00 -31.11 13.73
N LYS C 26 18.83 -30.69 14.20
CA LYS C 26 18.65 -30.17 15.55
C LYS C 26 17.66 -30.99 16.33
N HIS C 27 17.79 -30.99 17.64
CA HIS C 27 16.83 -31.61 18.53
C HIS C 27 16.71 -30.79 19.80
N THR C 28 16.22 -29.58 19.65
CA THR C 28 16.27 -28.61 20.73
C THR C 28 14.91 -28.23 21.23
N GLN C 29 14.88 -27.51 22.35
CA GLN C 29 13.64 -26.98 22.90
C GLN C 29 13.32 -25.63 22.30
N LYS C 30 14.26 -25.10 21.55
CA LYS C 30 14.11 -23.84 20.86
C LYS C 30 13.38 -24.10 19.56
N VAL C 31 12.27 -23.41 19.31
CA VAL C 31 11.46 -23.76 18.15
C VAL C 31 11.14 -22.59 17.23
N PRO C 32 12.04 -22.22 16.31
CA PRO C 32 11.92 -21.06 15.45
C PRO C 32 10.81 -21.20 14.42
N SER C 33 10.35 -22.42 14.20
CA SER C 33 9.31 -22.67 13.21
C SER C 33 7.90 -22.46 13.76
N LEU C 34 7.80 -22.20 15.05
CA LEU C 34 6.50 -22.06 15.69
C LEU C 34 6.36 -20.68 16.34
N THR C 35 5.34 -19.93 15.94
CA THR C 35 5.15 -18.54 16.38
C THR C 35 3.66 -18.14 16.42
N ALA C 36 3.38 -16.84 16.36
CA ALA C 36 2.01 -16.35 16.34
C ALA C 36 1.89 -15.08 15.51
N ASN C 37 1.15 -15.16 14.39
CA ASN C 37 0.96 -14.00 13.49
C ASN C 37 0.00 -13.04 14.09
N GLU C 38 -0.58 -13.45 15.18
CA GLU C 38 -1.52 -12.67 15.91
C GLU C 38 -0.89 -11.39 16.35
N THR C 39 0.41 -11.44 16.62
CA THR C 39 1.15 -10.33 17.12
C THR C 39 1.30 -9.23 16.10
N GLY C 40 1.11 -9.58 14.83
CA GLY C 40 1.29 -8.63 13.75
C GLY C 40 2.74 -8.56 13.29
N ALA C 41 3.62 -9.35 13.90
CA ALA C 41 5.02 -9.34 13.50
C ALA C 41 5.33 -10.51 12.57
N THR C 42 6.25 -10.27 11.66
CA THR C 42 6.78 -11.32 10.80
C THR C 42 8.23 -11.58 11.17
N LEU C 43 8.50 -12.71 11.81
CA LEU C 43 9.86 -12.92 12.27
C LEU C 43 10.77 -13.31 11.11
N PRO C 44 12.02 -12.85 11.09
CA PRO C 44 13.01 -13.06 10.05
C PRO C 44 13.63 -14.43 10.10
N THR C 45 12.80 -15.45 9.91
CA THR C 45 13.30 -16.82 9.93
C THR C 45 13.94 -17.17 8.61
N THR C 46 14.74 -18.23 8.61
CA THR C 46 15.47 -18.65 7.42
C THR C 46 15.24 -20.13 7.12
N PRO C 47 15.55 -20.62 5.92
CA PRO C 47 15.56 -22.02 5.57
C PRO C 47 16.35 -22.86 6.55
N SER C 48 17.39 -22.28 7.16
CA SER C 48 18.22 -23.01 8.10
C SER C 48 17.50 -23.28 9.42
N ASP C 49 16.36 -22.65 9.61
CA ASP C 49 15.57 -22.85 10.80
C ASP C 49 14.55 -23.97 10.59
N SER C 50 14.51 -24.53 9.37
CA SER C 50 13.57 -25.60 9.05
C SER C 50 14.29 -26.88 8.59
N VAL C 51 15.25 -26.73 7.67
CA VAL C 51 15.91 -27.87 7.07
C VAL C 51 17.42 -27.77 7.19
N GLU C 52 18.13 -28.86 6.95
CA GLU C 52 19.57 -28.77 6.90
C GLU C 52 19.99 -27.95 5.71
N THR C 53 21.01 -27.12 5.89
CA THR C 53 21.46 -26.22 4.82
C THR C 53 22.97 -26.27 4.59
N ARG C 54 23.38 -25.66 3.48
CA ARG C 54 24.78 -25.56 3.09
C ARG C 54 25.19 -24.11 2.91
N THR C 55 26.38 -23.76 3.36
CA THR C 55 26.83 -22.38 3.24
C THR C 55 26.89 -21.94 1.79
N THR C 56 26.30 -20.79 1.51
CA THR C 56 26.34 -20.22 0.17
C THR C 56 26.14 -18.70 0.17
N LEU C 57 26.75 -18.03 -0.80
CA LEU C 57 26.68 -16.58 -0.95
C LEU C 57 25.45 -16.11 -1.70
N MET C 58 25.04 -14.86 -1.47
CA MET C 58 23.94 -14.28 -2.24
C MET C 58 24.35 -13.77 -3.61
N HIS C 59 25.52 -13.16 -3.70
CA HIS C 59 25.94 -12.52 -4.94
C HIS C 59 24.88 -11.53 -5.44
N TYR C 60 24.30 -10.79 -4.51
CA TYR C 60 23.24 -9.86 -4.82
C TYR C 60 23.23 -8.74 -3.80
N THR C 61 23.00 -7.52 -4.27
CA THR C 61 23.02 -6.36 -3.40
C THR C 61 21.67 -5.71 -3.28
N GLY C 62 20.84 -6.09 -4.24
CA GLY C 62 19.49 -5.58 -4.09
C GLY C 62 19.38 -4.19 -4.71
N SER C 63 20.46 -3.72 -5.32
CA SER C 63 20.44 -2.41 -5.92
C SER C 63 19.36 -2.27 -6.96
N GLU C 64 19.05 -3.33 -7.70
CA GLU C 64 18.03 -3.26 -8.74
C GLU C 64 16.61 -2.98 -8.22
N THR C 65 16.37 -3.24 -6.95
CA THR C 65 15.05 -3.09 -6.37
C THR C 65 14.90 -1.84 -5.52
N THR C 66 15.90 -0.97 -5.55
CA THR C 66 15.80 0.28 -4.81
C THR C 66 14.64 1.07 -5.27
N LEU C 67 14.04 1.80 -4.35
CA LEU C 67 12.94 2.67 -4.69
C LEU C 67 13.28 3.57 -5.88
N GLU C 68 14.53 4.01 -5.96
CA GLU C 68 14.92 4.93 -7.01
C GLU C 68 14.68 4.34 -8.41
N ASN C 69 14.90 3.03 -8.58
CA ASN C 69 14.74 2.39 -9.89
C ASN C 69 13.31 2.08 -10.18
N PHE C 70 12.55 1.85 -9.13
CA PHE C 70 11.17 1.49 -9.30
C PHE C 70 10.40 2.64 -9.87
N LEU C 71 10.62 3.82 -9.32
CA LEU C 71 9.90 4.99 -9.75
C LEU C 71 10.67 5.87 -10.78
N GLY C 72 12.00 5.87 -10.74
CA GLY C 72 12.79 6.78 -11.57
C GLY C 72 13.01 6.34 -13.04
N ARG C 73 11.93 6.00 -13.74
CA ARG C 73 11.98 5.64 -15.17
C ARG C 73 10.98 6.47 -15.90
N ALA C 74 11.29 6.90 -17.12
CA ALA C 74 10.34 7.76 -17.81
C ALA C 74 9.05 7.06 -18.07
N ALA C 75 7.96 7.78 -17.96
CA ALA C 75 6.66 7.24 -18.30
C ALA C 75 5.84 8.28 -18.97
N CYS C 76 5.01 7.87 -19.91
CA CYS C 76 4.13 8.84 -20.52
C CYS C 76 3.13 9.28 -19.52
N VAL C 77 2.91 10.58 -19.44
CA VAL C 77 1.93 11.12 -18.52
C VAL C 77 0.72 11.63 -19.24
N HIS C 78 0.92 12.36 -20.31
CA HIS C 78 -0.22 12.95 -20.99
C HIS C 78 0.05 13.28 -22.43
N VAL C 79 -0.99 13.16 -23.25
CA VAL C 79 -0.89 13.49 -24.66
C VAL C 79 -1.92 14.55 -25.04
N VAL C 80 -1.46 15.59 -25.75
CA VAL C 80 -2.37 16.64 -26.20
C VAL C 80 -2.34 16.76 -27.69
N GLU C 81 -3.41 17.27 -28.26
CA GLU C 81 -3.44 17.51 -29.68
C GLU C 81 -3.71 18.96 -30.00
N ILE C 82 -2.83 19.53 -30.78
CA ILE C 82 -2.93 20.91 -31.21
C ILE C 82 -2.80 20.94 -32.71
N VAL C 83 -3.39 21.93 -33.35
CA VAL C 83 -3.31 21.98 -34.79
C VAL C 83 -2.84 23.31 -35.28
N ASN C 84 -2.34 23.31 -36.49
CA ASN C 84 -1.98 24.52 -37.17
C ASN C 84 -2.91 24.72 -38.35
N LYS C 85 -3.83 25.63 -38.22
CA LYS C 85 -4.85 25.86 -39.25
C LYS C 85 -5.17 27.31 -39.30
N ARG C 86 -5.79 27.77 -40.37
CA ARG C 86 -6.25 29.14 -40.38
C ARG C 86 -7.32 29.25 -39.30
N PRO C 87 -7.22 30.20 -38.37
CA PRO C 87 -8.17 30.42 -37.33
C PRO C 87 -9.54 30.69 -37.89
N THR C 88 -10.54 30.17 -37.21
CA THR C 88 -11.93 30.43 -37.54
C THR C 88 -12.53 31.39 -36.52
N ASP C 89 -13.15 32.46 -36.99
CA ASP C 89 -13.62 33.54 -36.11
C ASP C 89 -14.90 33.24 -35.38
N THR C 90 -15.51 32.11 -35.68
CA THR C 90 -16.76 31.75 -35.06
C THR C 90 -16.59 30.86 -33.82
N GLU C 91 -15.35 30.43 -33.55
CA GLU C 91 -15.13 29.51 -32.42
C GLU C 91 -13.95 29.91 -31.55
N GLU C 92 -14.06 29.65 -30.26
CA GLU C 92 -12.97 29.87 -29.34
C GLU C 92 -11.73 29.14 -29.82
N HIS C 93 -10.60 29.82 -29.80
CA HIS C 93 -9.38 29.23 -30.32
C HIS C 93 -9.03 27.92 -29.63
N ARG C 94 -9.28 27.82 -28.33
CA ARG C 94 -9.01 26.57 -27.64
C ARG C 94 -9.85 25.43 -28.23
N MET C 95 -11.09 25.72 -28.59
CA MET C 95 -12.00 24.70 -29.10
C MET C 95 -11.56 24.22 -30.46
N GLN C 96 -10.86 25.09 -31.17
CA GLN C 96 -10.33 24.79 -32.50
C GLN C 96 -9.01 24.03 -32.40
N LEU C 97 -8.55 23.81 -31.17
CA LEU C 97 -7.28 23.18 -30.88
C LEU C 97 -6.11 23.98 -31.40
N LEU C 98 -6.22 25.29 -31.46
CA LEU C 98 -5.08 26.09 -31.88
C LEU C 98 -4.03 26.07 -30.79
N PHE C 99 -4.47 25.80 -29.58
CA PHE C 99 -3.58 25.62 -28.45
C PHE C 99 -4.28 24.68 -27.48
N ASN C 100 -3.56 24.16 -26.52
CA ASN C 100 -4.16 23.21 -25.60
C ASN C 100 -3.58 23.30 -24.21
N ASN C 101 -4.44 23.11 -23.22
CA ASN C 101 -4.04 23.22 -21.82
C ASN C 101 -4.14 21.89 -21.09
N TRP C 102 -3.01 21.45 -20.57
CA TRP C 102 -2.93 20.23 -19.79
C TRP C 102 -2.84 20.53 -18.32
N LYS C 103 -3.87 20.21 -17.55
CA LYS C 103 -3.75 20.44 -16.11
C LYS C 103 -2.80 19.42 -15.56
N ILE C 104 -1.80 19.87 -14.85
CA ILE C 104 -0.77 18.94 -14.42
C ILE C 104 -1.28 17.93 -13.43
N ASN C 105 -0.97 16.67 -13.71
CA ASN C 105 -1.24 15.57 -12.82
C ASN C 105 -0.42 14.38 -13.26
N LEU C 106 -0.32 13.37 -12.43
CA LEU C 106 0.35 12.12 -12.84
C LEU C 106 -0.63 10.97 -12.84
N SER C 107 -1.89 11.29 -12.62
CA SER C 107 -2.93 10.29 -12.48
C SER C 107 -3.71 10.00 -13.76
N SER C 108 -3.39 10.68 -14.85
CA SER C 108 -4.11 10.48 -16.10
C SER C 108 -3.89 9.10 -16.69
N LEU C 109 -2.65 8.61 -16.64
CA LEU C 109 -2.32 7.31 -17.20
C LEU C 109 -1.93 6.32 -16.11
N VAL C 110 -2.65 5.21 -16.07
CA VAL C 110 -2.56 4.23 -15.01
C VAL C 110 -1.21 3.58 -14.83
N GLN C 111 -0.48 3.37 -15.91
CA GLN C 111 0.82 2.69 -15.81
C GLN C 111 1.75 3.38 -14.81
N LEU C 112 1.62 4.70 -14.67
CA LEU C 112 2.43 5.43 -13.73
C LEU C 112 1.72 5.55 -12.41
N ARG C 113 0.45 5.91 -12.49
CA ARG C 113 -0.34 6.12 -11.31
C ARG C 113 -0.22 4.94 -10.38
N ARG C 114 -0.34 3.75 -10.91
CA ARG C 114 -0.31 2.54 -10.13
C ARG C 114 0.91 2.42 -9.24
N LYS C 115 2.07 2.88 -9.72
CA LYS C 115 3.27 2.76 -8.90
C LYS C 115 3.25 3.77 -7.79
N LEU C 116 2.84 4.97 -8.09
CA LEU C 116 2.82 6.03 -7.11
C LEU C 116 1.80 5.74 -6.01
N GLU C 117 0.72 5.08 -6.40
CA GLU C 117 -0.35 4.67 -5.48
C GLU C 117 0.16 3.72 -4.39
N MET C 118 1.32 3.09 -4.60
CA MET C 118 1.85 2.14 -3.64
C MET C 118 2.51 2.81 -2.45
N PHE C 119 2.57 4.13 -2.45
CA PHE C 119 3.12 4.85 -1.31
C PHE C 119 2.15 5.92 -0.89
N THR C 120 2.12 6.26 0.38
CA THR C 120 1.17 7.25 0.80
C THR C 120 1.73 8.65 0.57
N TYR C 121 3.00 8.84 0.87
CA TYR C 121 3.63 10.13 0.72
C TYR C 121 4.85 9.99 -0.16
N VAL C 122 4.95 10.81 -1.19
CA VAL C 122 6.05 10.70 -2.12
C VAL C 122 6.72 12.05 -2.36
N ARG C 123 8.04 12.10 -2.33
CA ARG C 123 8.77 13.34 -2.59
C ARG C 123 9.81 13.13 -3.65
N PHE C 124 9.84 14.00 -4.64
CA PHE C 124 10.81 13.87 -5.71
C PHE C 124 10.94 15.09 -6.56
N ASP C 125 12.03 15.17 -7.30
CA ASP C 125 12.18 16.18 -8.32
C ASP C 125 11.72 15.57 -9.61
N SER C 126 11.34 16.39 -10.57
CA SER C 126 10.86 15.85 -11.82
C SER C 126 11.76 16.14 -12.99
N GLU C 127 11.71 15.27 -13.98
CA GLU C 127 12.32 15.52 -15.27
C GLU C 127 11.29 15.32 -16.33
N TYR C 128 11.16 16.29 -17.19
CA TYR C 128 10.19 16.21 -18.25
C TYR C 128 10.83 16.02 -19.57
N THR C 129 10.18 15.25 -20.42
CA THR C 129 10.56 15.20 -21.82
C THR C 129 9.35 15.40 -22.66
N ILE C 130 9.44 16.29 -23.62
CA ILE C 130 8.29 16.56 -24.45
C ILE C 130 8.62 16.25 -25.89
N ILE C 131 7.86 15.36 -26.48
CA ILE C 131 8.11 14.92 -27.85
C ILE C 131 6.94 15.22 -28.75
N ALA C 132 7.19 15.88 -29.88
CA ALA C 132 6.08 16.20 -30.78
C ALA C 132 6.21 15.48 -32.11
N THR C 133 5.07 15.05 -32.63
CA THR C 133 4.99 14.43 -33.94
C THR C 133 3.86 15.03 -34.76
N SER C 134 4.15 15.38 -36.00
CA SER C 134 3.13 15.97 -36.85
C SER C 134 2.47 14.95 -37.76
N SER C 135 1.32 15.30 -38.28
CA SER C 135 0.59 14.50 -39.24
C SER C 135 -0.28 15.37 -40.13
N GLN C 136 -0.42 14.98 -41.38
CA GLN C 136 -1.21 15.75 -42.33
C GLN C 136 -2.24 14.90 -43.08
N PRO C 137 -3.37 14.52 -42.45
CA PRO C 137 -4.38 13.65 -42.97
C PRO C 137 -5.28 14.39 -43.95
N ASN C 138 -4.69 14.90 -45.00
CA ASN C 138 -5.41 15.70 -45.99
C ASN C 138 -4.64 15.82 -47.29
N GLU C 139 -5.20 16.56 -48.25
CA GLU C 139 -4.55 16.68 -49.55
C GLU C 139 -3.44 17.69 -49.53
N ALA C 140 -2.37 17.32 -48.86
CA ALA C 140 -1.23 18.19 -48.66
C ALA C 140 -0.37 18.29 -49.90
N LYS C 141 0.32 19.41 -50.02
CA LYS C 141 1.29 19.59 -51.11
C LYS C 141 2.70 19.39 -50.61
N PHE C 142 2.90 19.59 -49.32
CA PHE C 142 4.20 19.47 -48.72
C PHE C 142 4.07 19.34 -47.22
N SER C 143 5.14 18.89 -46.58
CA SER C 143 5.17 18.83 -45.13
C SER C 143 5.95 19.98 -44.57
N SER C 144 5.60 20.38 -43.35
CA SER C 144 6.31 21.46 -42.68
C SER C 144 6.71 21.05 -41.27
N ASN C 145 7.91 21.42 -40.87
CA ASN C 145 8.37 21.15 -39.53
C ASN C 145 8.01 22.30 -38.64
N LEU C 146 7.05 22.09 -37.79
CA LEU C 146 6.52 23.16 -36.99
C LEU C 146 7.31 23.36 -35.73
N THR C 147 7.29 24.58 -35.23
CA THR C 147 7.89 24.85 -33.93
C THR C 147 6.82 24.86 -32.87
N ILE C 148 7.05 24.11 -31.81
CA ILE C 148 6.10 23.95 -30.73
C ILE C 148 6.57 24.67 -29.48
N GLN C 149 5.67 25.40 -28.86
CA GLN C 149 5.96 26.07 -27.60
C GLN C 149 5.23 25.41 -26.48
N ALA C 150 5.93 25.17 -25.38
CA ALA C 150 5.29 24.67 -24.18
C ALA C 150 5.54 25.66 -23.06
N MET C 151 4.50 26.00 -22.31
CA MET C 151 4.60 27.02 -21.29
C MET C 151 3.96 26.64 -19.98
N PHE C 152 4.62 26.93 -18.87
CA PHE C 152 4.02 26.70 -17.57
C PHE C 152 3.09 27.81 -17.18
N ILE C 153 1.95 27.44 -16.66
CA ILE C 153 0.99 28.39 -16.16
C ILE C 153 0.56 28.03 -14.75
N PRO C 154 1.32 28.43 -13.71
CA PRO C 154 1.08 28.12 -12.33
C PRO C 154 -0.17 28.86 -11.91
N PRO C 155 -0.81 28.46 -10.80
CA PRO C 155 -2.01 29.06 -10.30
C PRO C 155 -1.85 30.55 -10.16
N GLY C 156 -2.83 31.29 -10.63
CA GLY C 156 -2.81 32.74 -10.57
C GLY C 156 -2.28 33.37 -11.84
N ALA C 157 -1.58 32.58 -12.65
CA ALA C 157 -1.07 33.06 -13.91
C ALA C 157 -2.22 33.15 -14.88
N PRO C 158 -2.18 34.05 -15.86
CA PRO C 158 -3.17 34.19 -16.89
C PRO C 158 -3.22 32.98 -17.78
N ASN C 159 -4.43 32.59 -18.15
CA ASN C 159 -4.66 31.51 -19.08
C ASN C 159 -4.85 32.08 -20.49
N PRO C 160 -4.08 31.61 -21.50
CA PRO C 160 -4.18 32.03 -22.87
C PRO C 160 -5.59 31.90 -23.36
N LYS C 161 -6.02 32.87 -24.16
CA LYS C 161 -7.36 32.85 -24.73
C LYS C 161 -7.30 32.71 -26.24
N LYS C 162 -6.35 33.40 -26.84
CA LYS C 162 -6.18 33.31 -28.28
C LYS C 162 -4.88 32.63 -28.59
N TRP C 163 -4.78 32.04 -29.78
CA TRP C 163 -3.59 31.28 -30.11
C TRP C 163 -2.33 32.13 -30.04
N ASP C 164 -2.48 33.47 -30.15
CA ASP C 164 -1.32 34.35 -30.12
C ASP C 164 -1.55 35.62 -29.31
N ASP C 165 -2.20 35.53 -28.15
CA ASP C 165 -2.34 36.73 -27.31
C ASP C 165 -1.09 36.94 -26.46
N TYR C 166 -1.04 38.07 -25.76
CA TYR C 166 0.12 38.49 -24.96
C TYR C 166 0.59 37.46 -23.93
N THR C 167 -0.26 36.56 -23.52
CA THR C 167 0.09 35.60 -22.51
C THR C 167 1.33 34.82 -22.89
N TRP C 168 1.44 34.52 -24.18
CA TRP C 168 2.48 33.66 -24.70
C TRP C 168 3.87 34.31 -24.69
N GLN C 169 3.94 35.60 -24.32
CA GLN C 169 5.21 36.30 -24.25
C GLN C 169 6.14 35.62 -23.29
N SER C 170 5.58 34.91 -22.32
CA SER C 170 6.36 34.17 -21.37
C SER C 170 7.37 35.05 -20.66
N ALA C 171 6.94 36.24 -20.25
CA ALA C 171 7.83 37.17 -19.57
C ALA C 171 8.38 36.60 -18.27
N THR C 172 7.55 35.87 -17.54
CA THR C 172 7.96 35.31 -16.26
C THR C 172 7.72 33.80 -16.17
N ASN C 173 6.95 33.27 -17.10
CA ASN C 173 6.57 31.86 -17.09
C ASN C 173 7.60 31.02 -17.81
N PRO C 174 8.22 30.02 -17.17
CA PRO C 174 9.15 29.14 -17.79
C PRO C 174 8.52 28.55 -19.02
N SER C 175 9.29 28.46 -20.09
CA SER C 175 8.77 27.91 -21.33
C SER C 175 9.88 27.35 -22.17
N VAL C 176 9.52 26.52 -23.13
CA VAL C 176 10.49 25.93 -24.01
C VAL C 176 9.99 25.85 -25.42
N PHE C 177 10.87 26.11 -26.37
CA PHE C 177 10.54 25.96 -27.77
C PHE C 177 11.31 24.81 -28.36
N PHE C 178 10.65 24.02 -29.16
CA PHE C 178 11.32 22.91 -29.82
C PHE C 178 10.63 22.58 -31.12
N ASN C 179 11.30 21.89 -31.99
CA ASN C 179 10.70 21.57 -33.28
C ASN C 179 10.06 20.21 -33.28
N VAL C 180 9.10 20.02 -34.17
CA VAL C 180 8.55 18.71 -34.35
C VAL C 180 9.64 17.79 -34.84
N GLY C 181 9.75 16.63 -34.23
CA GLY C 181 10.82 15.69 -34.54
C GLY C 181 11.97 15.79 -33.55
N LYS C 182 11.97 16.84 -32.76
CA LYS C 182 12.96 17.06 -31.73
C LYS C 182 12.25 16.97 -30.41
N SER C 183 12.97 17.13 -29.32
CA SER C 183 12.32 17.04 -28.04
C SER C 183 12.86 18.05 -27.06
N ALA C 184 12.06 18.37 -26.07
CA ALA C 184 12.47 19.23 -24.99
C ALA C 184 12.82 18.40 -23.79
N ARG C 185 13.74 18.88 -22.99
CA ARG C 185 14.05 18.21 -21.74
C ARG C 185 14.42 19.22 -20.69
N PHE C 186 13.83 19.09 -19.52
CA PHE C 186 14.14 19.99 -18.41
C PHE C 186 13.78 19.42 -17.05
N SER C 187 14.37 19.97 -16.00
CA SER C 187 14.06 19.55 -14.64
C SER C 187 13.21 20.54 -13.90
N VAL C 188 12.33 20.03 -13.07
CA VAL C 188 11.51 20.82 -12.21
C VAL C 188 11.66 20.33 -10.77
N PRO C 189 12.09 21.16 -9.83
CA PRO C 189 12.34 20.80 -8.47
C PRO C 189 11.04 20.52 -7.77
N TYR C 190 11.10 19.77 -6.68
CA TYR C 190 9.91 19.50 -5.88
C TYR C 190 9.11 20.78 -5.64
N LEU C 191 7.85 20.79 -6.08
CA LEU C 191 7.02 22.00 -5.97
C LEU C 191 5.94 21.90 -4.92
N GLY C 192 5.97 20.89 -4.12
CA GLY C 192 4.91 20.70 -3.15
C GLY C 192 4.93 21.75 -2.07
N ILE C 193 3.76 22.05 -1.54
CA ILE C 193 3.61 22.96 -0.43
C ILE C 193 4.04 22.27 0.85
N ALA C 194 3.61 21.04 1.00
CA ALA C 194 3.94 20.20 2.13
C ALA C 194 5.30 19.58 1.92
N SER C 195 5.77 18.79 2.87
CA SER C 195 7.08 18.17 2.72
C SER C 195 7.07 17.01 1.73
N ALA C 196 5.90 16.56 1.34
CA ALA C 196 5.79 15.47 0.39
C ALA C 196 4.49 15.56 -0.36
N TYR C 197 4.43 14.97 -1.53
CA TYR C 197 3.20 14.95 -2.26
C TYR C 197 2.32 13.88 -1.67
N ASN C 198 1.07 14.19 -1.45
CA ASN C 198 0.13 13.21 -0.97
C ASN C 198 -0.44 12.43 -2.12
N CYS C 199 -0.46 11.12 -2.01
CA CYS C 199 -1.10 10.33 -3.04
C CYS C 199 -2.59 10.19 -2.75
N PHE C 200 -2.95 10.30 -1.48
CA PHE C 200 -4.32 10.16 -1.02
C PHE C 200 -4.64 11.27 -0.06
N TYR C 201 -5.90 11.66 0.03
CA TYR C 201 -6.28 12.64 1.04
C TYR C 201 -7.64 12.33 1.62
N ASP C 202 -7.68 11.88 2.86
CA ASP C 202 -8.97 11.51 3.45
C ASP C 202 -9.62 12.71 4.06
N GLY C 203 -10.09 13.61 3.22
CA GLY C 203 -10.63 14.87 3.70
C GLY C 203 -11.16 15.76 2.62
N TYR C 204 -11.47 16.98 3.01
CA TYR C 204 -12.10 17.95 2.14
C TYR C 204 -11.31 19.23 2.12
N SER C 205 -11.65 20.10 1.17
CA SER C 205 -11.02 21.40 1.09
C SER C 205 -11.35 22.29 2.30
N HIS C 206 -12.52 22.08 2.90
CA HIS C 206 -12.94 22.85 4.05
C HIS C 206 -14.12 22.18 4.76
N ASP C 207 -14.51 22.71 5.90
CA ASP C 207 -15.60 22.13 6.66
C ASP C 207 -16.95 22.48 6.10
N ASN C 208 -17.41 21.67 5.17
CA ASN C 208 -18.67 21.91 4.49
C ASN C 208 -19.28 20.60 4.12
N SER C 209 -20.61 20.57 4.02
CA SER C 209 -21.29 19.36 3.64
C SER C 209 -21.03 19.01 2.19
N THR C 210 -21.00 20.04 1.35
CA THR C 210 -20.78 19.82 -0.06
C THR C 210 -19.49 20.45 -0.55
N THR C 211 -18.57 19.58 -0.91
CA THR C 211 -17.25 19.94 -1.38
C THR C 211 -16.57 18.68 -1.93
N PRO C 212 -15.68 18.81 -2.92
CA PRO C 212 -14.89 17.74 -3.45
C PRO C 212 -14.12 17.02 -2.38
N TYR C 213 -14.02 15.71 -2.54
CA TYR C 213 -13.35 14.83 -1.59
C TYR C 213 -12.18 14.18 -2.23
N GLY C 214 -11.09 14.10 -1.50
CA GLY C 214 -9.95 13.34 -1.99
C GLY C 214 -8.86 14.19 -2.57
N ILE C 215 -7.80 13.52 -3.01
CA ILE C 215 -6.56 14.17 -3.45
C ILE C 215 -6.70 15.31 -4.45
N ASN C 216 -7.80 15.36 -5.17
CA ASN C 216 -7.97 16.43 -6.13
C ASN C 216 -7.92 17.81 -5.48
N VAL C 217 -8.30 17.91 -4.22
CA VAL C 217 -8.34 19.21 -3.57
C VAL C 217 -6.94 19.76 -3.32
N LEU C 218 -5.92 18.91 -3.41
CA LEU C 218 -4.57 19.36 -3.18
C LEU C 218 -3.87 19.66 -4.49
N ASN C 219 -4.49 19.33 -5.60
CA ASN C 219 -3.80 19.48 -6.86
C ASN C 219 -3.96 20.84 -7.45
N HIS C 220 -3.07 21.74 -7.03
CA HIS C 220 -3.05 23.08 -7.58
C HIS C 220 -1.71 23.29 -8.28
N MET C 221 -1.27 22.26 -8.99
CA MET C 221 -0.01 22.30 -9.70
C MET C 221 0.00 23.32 -10.82
N GLY C 222 -1.17 23.64 -11.34
CA GLY C 222 -1.28 24.55 -12.47
C GLY C 222 -1.37 23.78 -13.75
N SER C 223 -1.15 24.47 -14.86
CA SER C 223 -1.33 23.86 -16.17
C SER C 223 -0.12 24.09 -17.05
N MET C 224 0.00 23.26 -18.07
CA MET C 224 1.01 23.47 -19.10
C MET C 224 0.32 23.70 -20.42
N ALA C 225 0.68 24.77 -21.11
CA ALA C 225 0.01 25.11 -22.35
C ALA C 225 0.88 24.81 -23.53
N PHE C 226 0.27 24.31 -24.59
CA PHE C 226 1.01 23.99 -25.80
C PHE C 226 0.48 24.78 -26.98
N ARG C 227 1.38 25.18 -27.86
CA ARG C 227 1.03 25.95 -29.05
C ARG C 227 1.94 25.72 -30.24
N VAL C 228 1.37 25.75 -31.45
CA VAL C 228 2.19 25.83 -32.66
C VAL C 228 2.47 27.31 -32.89
N VAL C 229 3.73 27.69 -33.02
CA VAL C 229 4.04 29.12 -33.07
C VAL C 229 4.14 29.64 -34.46
N ASN C 230 3.89 28.77 -35.41
CA ASN C 230 3.91 29.12 -36.81
C ASN C 230 2.55 29.59 -37.23
N GLU C 231 2.49 30.34 -38.29
CA GLU C 231 1.21 30.76 -38.83
C GLU C 231 0.65 29.67 -39.72
N HIS C 232 -0.61 29.79 -40.07
CA HIS C 232 -1.25 28.81 -40.92
C HIS C 232 -0.48 28.70 -42.20
N ASP C 233 -0.59 27.56 -42.86
CA ASP C 233 0.24 27.30 -44.03
C ASP C 233 -0.54 26.60 -45.14
N ASN C 234 -1.79 27.01 -45.32
CA ASN C 234 -2.64 26.45 -46.36
C ASN C 234 -3.41 25.22 -45.91
N HIS C 235 -2.68 24.19 -45.48
CA HIS C 235 -3.30 22.95 -45.04
C HIS C 235 -3.30 22.84 -43.52
N THR C 236 -4.14 21.94 -43.00
CA THR C 236 -4.23 21.73 -41.56
C THR C 236 -3.23 20.67 -41.11
N THR C 237 -2.40 21.03 -40.13
CA THR C 237 -1.40 20.12 -39.63
C THR C 237 -1.72 19.77 -38.21
N HIS C 238 -1.70 18.49 -37.92
CA HIS C 238 -2.01 18.03 -36.60
C HIS C 238 -0.77 17.66 -35.87
N VAL C 239 -0.61 18.15 -34.67
CA VAL C 239 0.54 17.80 -33.89
C VAL C 239 0.16 17.19 -32.58
N LYS C 240 0.70 16.03 -32.29
CA LYS C 240 0.47 15.45 -31.00
C LYS C 240 1.68 15.63 -30.18
N VAL C 241 1.50 16.07 -28.97
CA VAL C 241 2.62 16.28 -28.10
C VAL C 241 2.52 15.36 -26.94
N ARG C 242 3.54 14.55 -26.74
CA ARG C 242 3.54 13.57 -25.70
C ARG C 242 4.45 14.00 -24.61
N VAL C 243 3.96 13.98 -23.39
CA VAL C 243 4.77 14.40 -22.28
C VAL C 243 5.13 13.25 -21.42
N TYR C 244 6.42 13.07 -21.20
CA TYR C 244 6.95 12.02 -20.38
C TYR C 244 7.48 12.57 -19.10
N HIS C 245 7.42 11.78 -18.05
CA HIS C 245 7.89 12.22 -16.75
C HIS C 245 8.73 11.20 -16.09
N ARG C 246 9.80 11.65 -15.45
CA ARG C 246 10.63 10.76 -14.67
C ARG C 246 10.94 11.40 -13.34
N ALA C 247 10.81 10.65 -12.28
CA ALA C 247 11.12 11.19 -10.96
C ALA C 247 12.58 10.97 -10.62
N LYS C 248 13.16 11.92 -9.89
CA LYS C 248 14.55 11.82 -9.45
C LYS C 248 14.70 12.11 -7.97
N HIS C 249 15.69 11.49 -7.33
CA HIS C 249 15.96 11.80 -5.93
C HIS C 249 14.72 11.52 -5.15
N ILE C 250 14.27 10.29 -5.25
CA ILE C 250 12.97 9.91 -4.78
C ILE C 250 12.94 9.37 -3.38
N ARG C 251 12.04 9.89 -2.58
CA ARG C 251 11.83 9.39 -1.25
C ARG C 251 10.37 9.01 -1.12
N ALA C 252 10.05 8.05 -0.30
CA ALA C 252 8.65 7.73 -0.10
C ALA C 252 8.42 7.16 1.25
N TRP C 253 7.22 7.39 1.77
CA TRP C 253 6.88 6.93 3.09
C TRP C 253 5.57 6.21 3.13
N VAL C 254 5.43 5.34 4.13
CA VAL C 254 4.21 4.61 4.35
C VAL C 254 3.74 3.89 3.09
N PRO C 255 4.20 2.65 2.92
CA PRO C 255 3.85 1.85 1.79
C PRO C 255 2.45 1.36 1.95
N ARG C 256 1.81 1.06 0.86
CA ARG C 256 0.48 0.50 0.93
C ARG C 256 0.19 -0.51 -0.13
N ALA C 257 -0.91 -1.21 0.04
CA ALA C 257 -1.32 -2.19 -0.92
C ALA C 257 -1.63 -1.54 -2.25
N PRO C 258 -1.30 -2.17 -3.38
CA PRO C 258 -1.63 -1.75 -4.70
C PRO C 258 -3.08 -1.97 -4.98
N ARG C 259 -3.63 -1.19 -5.89
CA ARG C 259 -5.04 -1.32 -6.27
C ARG C 259 -5.28 -2.54 -7.13
N ALA C 260 -6.33 -3.30 -6.83
CA ALA C 260 -6.67 -4.47 -7.62
C ALA C 260 -7.69 -4.16 -8.70
N LEU C 261 -8.62 -3.26 -8.40
CA LEU C 261 -9.68 -2.94 -9.35
C LEU C 261 -9.29 -1.80 -10.31
N GLU C 262 -9.99 -1.75 -11.44
CA GLU C 262 -9.75 -0.72 -12.44
C GLU C 262 -10.05 0.67 -11.92
N TYR C 263 -9.30 1.66 -12.42
CA TYR C 263 -9.51 3.07 -12.06
C TYR C 263 -10.59 3.63 -12.93
N LEU C 264 -11.40 4.53 -12.40
CA LEU C 264 -12.42 5.15 -13.23
C LEU C 264 -12.06 6.58 -13.63
N HIS C 265 -11.62 7.36 -12.66
CA HIS C 265 -11.37 8.78 -12.87
C HIS C 265 -10.13 9.26 -12.15
N ILE C 266 -9.71 10.48 -12.47
CA ILE C 266 -8.53 11.06 -11.86
C ILE C 266 -8.79 11.53 -10.43
N GLY C 267 -7.88 11.16 -9.54
CA GLY C 267 -7.96 11.54 -8.12
C GLY C 267 -8.84 10.62 -7.29
N ARG C 268 -10.03 10.41 -7.77
CA ARG C 268 -11.00 9.53 -7.15
C ARG C 268 -10.51 8.09 -7.09
N THR C 269 -10.91 7.37 -6.05
CA THR C 269 -10.59 5.95 -5.88
C THR C 269 -11.78 5.08 -6.20
N ASN C 270 -12.78 5.67 -6.82
CA ASN C 270 -14.00 4.98 -7.15
C ASN C 270 -13.76 3.77 -8.01
N TYR C 271 -14.70 2.84 -7.95
CA TYR C 271 -14.67 1.65 -8.78
C TYR C 271 -16.05 1.23 -9.18
N LYS C 272 -16.13 0.26 -10.07
CA LYS C 272 -17.39 -0.16 -10.66
C LYS C 272 -18.37 -0.66 -9.63
N GLN C 273 -19.65 -0.52 -9.93
CA GLN C 273 -20.73 -0.96 -9.04
C GLN C 273 -20.68 -2.45 -8.76
N SER C 274 -20.27 -3.22 -9.75
CA SER C 274 -20.21 -4.66 -9.64
C SER C 274 -18.90 -5.18 -10.20
N PRO C 275 -17.78 -4.96 -9.51
CA PRO C 275 -16.45 -5.17 -10.00
C PRO C 275 -16.19 -6.63 -10.18
N GLN C 276 -15.32 -6.96 -11.10
CA GLN C 276 -14.91 -8.33 -11.27
C GLN C 276 -13.91 -8.68 -10.21
N ASN C 277 -14.15 -9.77 -9.51
CA ASN C 277 -13.24 -10.20 -8.48
C ASN C 277 -11.93 -10.57 -9.12
N PRO C 278 -10.83 -9.82 -8.87
CA PRO C 278 -9.54 -9.96 -9.52
C PRO C 278 -8.74 -11.13 -8.97
N ILE C 279 -9.40 -12.26 -8.79
CA ILE C 279 -8.79 -13.48 -8.31
C ILE C 279 -9.19 -14.64 -9.20
N LYS C 280 -8.25 -15.19 -9.94
CA LYS C 280 -8.57 -16.31 -10.80
C LYS C 280 -9.04 -17.48 -9.97
N THR C 281 -10.14 -18.11 -10.38
CA THR C 281 -10.66 -19.24 -9.63
C THR C 281 -10.31 -20.59 -10.23
N ARG C 282 -10.56 -21.63 -9.44
CA ARG C 282 -10.33 -23.00 -9.83
C ARG C 282 -11.42 -23.94 -9.29
N LYS C 283 -11.45 -25.16 -9.78
CA LYS C 283 -12.52 -26.08 -9.39
C LYS C 283 -12.44 -26.56 -7.96
N THR C 284 -11.26 -26.88 -7.49
CA THR C 284 -11.09 -27.45 -6.16
C THR C 284 -9.90 -26.86 -5.45
N ILE C 285 -9.99 -26.72 -4.15
CA ILE C 285 -8.90 -26.22 -3.33
C ILE C 285 -7.60 -27.03 -3.47
N SER C 286 -7.72 -28.27 -3.94
CA SER C 286 -6.59 -29.16 -4.13
C SER C 286 -6.18 -29.33 -5.61
N THR C 287 -6.75 -28.55 -6.51
CA THR C 287 -6.38 -28.65 -7.92
C THR C 287 -5.08 -27.92 -8.22
N TYR C 288 -4.14 -28.64 -8.85
CA TYR C 288 -2.84 -28.07 -9.14
C TYR C 288 -2.83 -27.32 -10.46
N GLY D 1 36.42 25.41 -32.87
CA GLY D 1 36.44 24.88 -31.52
C GLY D 1 36.91 23.45 -31.51
N LEU D 2 36.63 22.74 -30.44
CA LEU D 2 37.01 21.34 -30.30
C LEU D 2 36.32 20.49 -31.35
N PRO D 3 37.06 19.74 -32.20
CA PRO D 3 36.51 18.80 -33.13
C PRO D 3 35.75 17.74 -32.40
N THR D 4 34.57 17.39 -32.90
CA THR D 4 33.80 16.32 -32.30
C THR D 4 33.21 15.42 -33.35
N VAL D 5 32.86 14.22 -32.95
CA VAL D 5 32.20 13.28 -33.83
C VAL D 5 30.96 12.76 -33.17
N LEU D 6 29.84 12.78 -33.86
CA LEU D 6 28.62 12.25 -33.30
C LEU D 6 28.58 10.76 -33.52
N THR D 7 27.99 10.05 -32.59
CA THR D 7 27.90 8.62 -32.69
C THR D 7 26.45 8.21 -32.85
N PRO D 8 26.16 6.97 -33.27
CA PRO D 8 24.85 6.43 -33.34
C PRO D 8 24.20 6.60 -32.01
N GLY D 9 22.93 6.91 -32.01
CA GLY D 9 22.20 7.16 -30.79
C GLY D 9 22.04 8.65 -30.53
N SER D 10 22.75 9.48 -31.27
CA SER D 10 22.59 10.89 -31.09
C SER D 10 21.13 11.28 -31.21
N GLU D 11 20.68 12.12 -30.29
CA GLU D 11 19.31 12.63 -30.22
C GLU D 11 18.22 11.57 -30.01
N GLN D 12 18.59 10.38 -29.54
CA GLN D 12 17.57 9.40 -29.21
C GLN D 12 16.93 9.71 -27.87
N PHE D 13 15.70 9.28 -27.69
CA PHE D 13 15.07 9.32 -26.39
C PHE D 13 15.05 7.95 -25.80
N LEU D 14 15.61 7.81 -24.62
CA LEU D 14 15.68 6.52 -23.98
C LEU D 14 15.12 6.58 -22.56
N THR D 15 14.13 5.77 -22.32
CA THR D 15 13.38 5.72 -21.07
C THR D 15 14.23 5.70 -19.80
N THR D 16 15.33 4.99 -19.84
CA THR D 16 16.14 4.77 -18.66
C THR D 16 17.48 5.50 -18.69
N ASP D 17 17.64 6.46 -19.58
CA ASP D 17 18.92 7.16 -19.71
C ASP D 17 19.03 8.30 -18.70
N ASP D 18 19.68 8.05 -17.57
CA ASP D 18 19.83 9.06 -16.53
C ASP D 18 20.91 10.08 -16.85
N ARG D 19 20.49 11.32 -17.09
CA ARG D 19 21.37 12.40 -17.46
C ARG D 19 21.01 13.69 -16.75
N GLN D 20 21.89 14.66 -16.81
CA GLN D 20 21.61 15.98 -16.25
C GLN D 20 20.76 16.78 -17.19
N SER D 21 20.05 17.76 -16.66
CA SER D 21 19.30 18.66 -17.54
C SER D 21 19.09 20.01 -16.87
N PRO D 22 18.90 21.11 -17.64
CA PRO D 22 18.63 22.44 -17.18
C PRO D 22 17.41 22.49 -16.33
N SER D 23 17.42 23.34 -15.32
CA SER D 23 16.25 23.51 -14.49
C SER D 23 15.35 24.55 -15.07
N ALA D 24 14.07 24.32 -14.98
CA ALA D 24 13.09 25.28 -15.44
C ALA D 24 12.83 26.37 -14.41
N MET D 25 13.37 26.21 -13.20
CA MET D 25 13.06 27.13 -12.10
C MET D 25 14.33 27.46 -11.28
N PRO D 26 15.28 28.21 -11.88
CA PRO D 26 16.70 28.33 -11.56
C PRO D 26 17.09 28.54 -10.09
N ASN D 27 16.29 29.25 -9.31
CA ASN D 27 16.68 29.50 -7.94
C ASN D 27 15.63 29.10 -6.95
N TYR D 28 14.81 28.17 -7.34
CA TYR D 28 13.76 27.67 -6.47
C TYR D 28 14.33 27.00 -5.23
N GLU D 29 13.74 27.29 -4.08
CA GLU D 29 14.12 26.67 -2.81
C GLU D 29 13.02 25.73 -2.30
N PRO D 30 13.19 24.39 -2.42
CA PRO D 30 12.23 23.38 -2.07
C PRO D 30 11.81 23.43 -0.63
N THR D 31 10.57 23.05 -0.41
CA THR D 31 10.00 22.97 0.92
C THR D 31 10.82 21.99 1.78
N PRO D 32 11.18 22.37 3.04
CA PRO D 32 11.91 21.56 3.99
C PRO D 32 11.23 20.25 4.26
N LEU D 33 12.02 19.23 4.50
CA LEU D 33 11.49 17.91 4.77
C LEU D 33 11.39 17.60 6.24
N ILE D 34 10.15 17.54 6.73
CA ILE D 34 9.93 17.20 8.13
C ILE D 34 10.04 15.71 8.29
N HIS D 35 10.35 15.25 9.47
CA HIS D 35 10.39 13.82 9.69
C HIS D 35 9.03 13.16 9.46
N ILE D 36 9.01 12.14 8.60
CA ILE D 36 7.80 11.36 8.36
C ILE D 36 8.11 9.86 8.62
N PRO D 37 7.36 9.17 9.50
CA PRO D 37 7.48 7.77 9.82
C PRO D 37 7.25 6.88 8.62
N GLY D 38 7.87 5.71 8.63
CA GLY D 38 7.58 4.69 7.60
C GLY D 38 8.37 4.85 6.31
N GLU D 39 9.53 5.47 6.36
CA GLU D 39 10.34 5.66 5.15
C GLU D 39 10.71 4.33 4.52
N VAL D 40 10.58 4.24 3.20
CA VAL D 40 10.92 3.04 2.45
C VAL D 40 12.17 3.25 1.60
N LYS D 41 13.12 2.32 1.67
CA LYS D 41 14.34 2.44 0.89
C LYS D 41 14.37 1.46 -0.27
N ASN D 42 13.78 0.29 -0.07
CA ASN D 42 13.91 -0.79 -1.03
C ASN D 42 12.64 -1.63 -1.07
N LEU D 43 12.26 -2.09 -2.23
CA LEU D 43 11.07 -2.91 -2.34
C LEU D 43 11.20 -4.22 -1.58
N LEU D 44 12.42 -4.67 -1.37
CA LEU D 44 12.63 -5.92 -0.67
C LEU D 44 12.39 -5.79 0.83
N GLU D 45 12.16 -4.56 1.31
CA GLU D 45 11.76 -4.33 2.69
C GLU D 45 10.27 -4.62 2.85
N ILE D 46 9.56 -4.60 1.72
CA ILE D 46 8.13 -4.78 1.67
C ILE D 46 7.82 -6.23 1.43
N ALA D 47 8.63 -6.85 0.59
CA ALA D 47 8.48 -8.24 0.23
C ALA D 47 8.50 -9.16 1.47
N GLN D 48 9.11 -8.70 2.55
CA GLN D 48 9.24 -9.51 3.75
C GLN D 48 8.04 -9.39 4.71
N VAL D 49 7.01 -8.66 4.34
CA VAL D 49 5.82 -8.53 5.19
C VAL D 49 4.74 -9.56 4.82
N ASP D 50 4.23 -10.32 5.80
CA ASP D 50 3.20 -11.34 5.50
C ASP D 50 1.86 -10.79 5.05
N THR D 51 1.35 -11.35 3.92
CA THR D 51 0.01 -11.03 3.43
C THR D 51 -0.81 -12.31 3.24
N LEU D 52 -2.13 -12.20 3.13
CA LEU D 52 -2.97 -13.40 3.03
C LEU D 52 -2.99 -13.99 1.64
N ILE D 53 -3.07 -15.31 1.57
CA ILE D 53 -3.15 -16.02 0.30
C ILE D 53 -4.58 -16.53 0.06
N PRO D 54 -5.23 -16.22 -1.06
CA PRO D 54 -6.56 -16.67 -1.39
C PRO D 54 -6.55 -18.14 -1.85
N LEU D 55 -6.16 -19.03 -0.96
CA LEU D 55 -6.03 -20.45 -1.25
C LEU D 55 -7.34 -21.12 -1.56
N ASN D 56 -8.42 -20.60 -1.04
CA ASN D 56 -9.71 -21.22 -1.27
C ASN D 56 -10.43 -20.52 -2.39
N ASN D 57 -9.68 -20.09 -3.39
CA ASN D 57 -10.24 -19.42 -4.56
C ASN D 57 -10.92 -20.38 -5.49
N THR D 58 -11.90 -21.10 -4.99
CA THR D 58 -12.59 -22.01 -5.84
C THR D 58 -13.76 -21.29 -6.39
N THR D 59 -14.45 -21.90 -7.29
CA THR D 59 -15.62 -21.25 -7.77
C THR D 59 -16.62 -21.21 -6.62
N ASN D 60 -17.61 -20.34 -6.73
CA ASN D 60 -18.64 -20.16 -5.71
C ASN D 60 -18.10 -19.82 -4.30
N THR D 61 -17.04 -18.99 -4.22
CA THR D 61 -16.48 -18.56 -2.94
C THR D 61 -16.40 -17.06 -2.82
N THR D 62 -17.35 -16.37 -3.42
CA THR D 62 -17.34 -14.91 -3.41
C THR D 62 -17.27 -14.34 -2.00
N GLY D 63 -16.38 -13.36 -1.80
CA GLY D 63 -16.20 -12.71 -0.50
C GLY D 63 -14.90 -13.12 0.16
N LEU D 64 -14.83 -12.95 1.47
CA LEU D 64 -13.60 -13.19 2.21
C LEU D 64 -13.34 -14.66 2.37
N GLY D 65 -14.28 -15.48 1.93
CA GLY D 65 -14.18 -16.92 2.02
C GLY D 65 -12.95 -17.45 1.28
N MET D 66 -12.43 -16.68 0.33
CA MET D 66 -11.26 -17.14 -0.41
C MET D 66 -10.02 -17.23 0.47
N TYR D 67 -10.04 -16.56 1.60
CA TYR D 67 -8.88 -16.56 2.47
C TYR D 67 -9.03 -17.54 3.62
N ARG D 68 -10.06 -18.39 3.56
CA ARG D 68 -10.31 -19.35 4.63
C ARG D 68 -10.15 -20.79 4.15
N ILE D 69 -9.25 -21.53 4.79
CA ILE D 69 -9.05 -22.93 4.43
C ILE D 69 -9.78 -23.81 5.42
N PRO D 70 -10.80 -24.57 5.02
CA PRO D 70 -11.59 -25.39 5.90
C PRO D 70 -10.85 -26.63 6.36
N LEU D 71 -11.12 -27.03 7.59
CA LEU D 71 -10.69 -28.31 8.13
C LEU D 71 -11.89 -29.03 8.70
N VAL D 72 -11.97 -30.34 8.52
CA VAL D 72 -13.14 -31.07 9.00
C VAL D 72 -12.82 -32.29 9.86
N GLN D 73 -13.78 -32.61 10.69
CA GLN D 73 -13.68 -33.69 11.65
C GLN D 73 -13.68 -35.02 11.03
N ASN D 74 -12.94 -35.91 11.67
CA ASN D 74 -12.88 -37.33 11.31
C ASN D 74 -12.27 -37.60 9.96
N MET D 75 -11.62 -36.60 9.39
CA MET D 75 -10.93 -36.82 8.14
C MET D 75 -9.44 -37.02 8.40
N GLN D 76 -8.87 -38.06 7.79
CA GLN D 76 -7.47 -38.42 8.01
C GLN D 76 -6.77 -38.86 6.76
N GLY D 77 -5.59 -38.32 6.51
CA GLY D 77 -4.78 -38.71 5.36
C GLY D 77 -5.22 -37.99 4.09
N GLU D 78 -6.27 -37.22 4.18
CA GLU D 78 -6.79 -36.51 3.05
C GLU D 78 -6.09 -35.21 2.86
N GLN D 79 -6.22 -34.65 1.69
CA GLN D 79 -5.59 -33.39 1.40
C GLN D 79 -6.45 -32.24 1.88
N VAL D 80 -5.83 -31.28 2.53
CA VAL D 80 -6.49 -30.07 2.98
C VAL D 80 -6.52 -29.07 1.85
N PHE D 81 -5.36 -28.87 1.24
CA PHE D 81 -5.23 -27.99 0.09
C PHE D 81 -4.00 -28.32 -0.71
N GLY D 82 -3.92 -27.75 -1.89
CA GLY D 82 -2.68 -27.83 -2.64
C GLY D 82 -2.70 -26.87 -3.80
N PHE D 83 -1.52 -26.43 -4.21
CA PHE D 83 -1.44 -25.53 -5.34
C PHE D 83 -0.09 -25.58 -6.02
N ARG D 84 -0.06 -25.13 -7.26
CA ARG D 84 1.17 -25.05 -8.01
C ARG D 84 1.88 -23.75 -7.65
N LEU D 85 3.15 -23.85 -7.30
CA LEU D 85 3.85 -22.70 -6.73
C LEU D 85 4.33 -21.67 -7.73
N TYR D 86 3.43 -20.83 -8.20
CA TYR D 86 3.81 -19.73 -9.09
C TYR D 86 3.78 -18.42 -8.35
N LEU D 87 4.66 -17.48 -8.71
CA LEU D 87 4.56 -16.11 -8.21
C LEU D 87 3.96 -15.21 -9.28
N GLY D 88 3.43 -15.84 -10.29
CA GLY D 88 2.81 -15.18 -11.40
C GLY D 88 1.30 -15.34 -11.35
N ASP D 89 0.80 -16.38 -12.01
CA ASP D 89 -0.64 -16.57 -12.18
C ASP D 89 -1.27 -17.61 -11.25
N GLY D 90 -0.61 -17.93 -10.17
CA GLY D 90 -1.15 -18.92 -9.23
C GLY D 90 -1.94 -18.24 -8.12
N VAL D 91 -2.13 -18.95 -7.02
CA VAL D 91 -2.90 -18.42 -5.89
C VAL D 91 -2.16 -17.29 -5.21
N LEU D 92 -0.89 -17.15 -5.54
CA LEU D 92 -0.06 -16.13 -4.95
C LEU D 92 -0.08 -14.85 -5.78
N LYS D 93 -0.79 -14.88 -6.91
CA LYS D 93 -0.86 -13.76 -7.85
C LYS D 93 -1.16 -12.42 -7.22
N THR D 94 -2.08 -12.39 -6.27
CA THR D 94 -2.56 -11.14 -5.70
C THR D 94 -1.95 -10.78 -4.35
N THR D 95 -1.00 -11.58 -3.88
CA THR D 95 -0.35 -11.31 -2.60
C THR D 95 0.68 -10.24 -2.82
N LEU D 96 1.28 -9.68 -1.77
CA LEU D 96 2.32 -8.70 -2.08
C LEU D 96 3.46 -9.28 -2.84
N LEU D 97 3.86 -10.51 -2.58
CA LEU D 97 4.93 -11.02 -3.41
C LEU D 97 4.46 -11.11 -4.81
N GLY D 98 3.21 -11.49 -5.00
CA GLY D 98 2.67 -11.56 -6.32
C GLY D 98 2.78 -10.22 -7.00
N GLU D 99 2.24 -9.20 -6.38
CA GLU D 99 2.20 -7.88 -6.95
C GLU D 99 3.59 -7.31 -7.18
N LEU D 100 4.53 -7.57 -6.28
CA LEU D 100 5.88 -7.08 -6.50
C LEU D 100 6.57 -7.88 -7.57
N CYS D 101 6.36 -9.18 -7.60
CA CYS D 101 7.02 -10.01 -8.57
C CYS D 101 6.50 -9.77 -9.96
N GLN D 102 5.29 -9.27 -10.09
CA GLN D 102 4.78 -8.97 -11.41
C GLN D 102 5.45 -7.76 -12.04
N TYR D 103 6.31 -7.06 -11.28
CA TYR D 103 7.08 -5.96 -11.83
C TYR D 103 8.48 -6.39 -12.18
N PHE D 104 8.79 -7.68 -12.02
CA PHE D 104 10.13 -8.19 -12.32
C PHE D 104 10.09 -9.43 -13.16
N THR D 105 11.14 -9.69 -13.90
CA THR D 105 11.21 -10.88 -14.71
C THR D 105 11.80 -12.05 -14.00
N HIS D 106 12.87 -11.83 -13.26
CA HIS D 106 13.58 -12.93 -12.64
C HIS D 106 13.40 -12.94 -11.14
N TRP D 107 13.11 -14.11 -10.64
CA TRP D 107 12.90 -14.38 -9.24
C TRP D 107 13.87 -15.40 -8.69
N ALA D 108 14.47 -15.12 -7.55
CA ALA D 108 15.27 -16.14 -6.91
C ALA D 108 15.21 -16.00 -5.43
N GLY D 109 15.55 -17.06 -4.72
CA GLY D 109 15.59 -16.99 -3.28
C GLY D 109 14.45 -17.77 -2.65
N SER D 110 14.41 -17.76 -1.33
CA SER D 110 13.48 -18.58 -0.57
C SER D 110 12.17 -17.88 -0.23
N LEU D 111 11.08 -18.65 -0.19
CA LEU D 111 9.75 -18.15 0.18
C LEU D 111 9.34 -18.64 1.53
N ARG D 112 8.51 -17.88 2.20
CA ARG D 112 8.02 -18.30 3.49
C ARG D 112 6.51 -18.41 3.52
N LEU D 113 6.01 -19.57 3.91
CA LEU D 113 4.58 -19.73 4.08
C LEU D 113 4.26 -19.81 5.53
N SER D 114 3.10 -19.35 5.90
CA SER D 114 2.73 -19.44 7.28
C SER D 114 1.25 -19.64 7.44
N PHE D 115 0.87 -20.50 8.37
CA PHE D 115 -0.54 -20.76 8.55
C PHE D 115 -0.97 -20.52 9.97
N MET D 116 -2.16 -19.95 10.13
CA MET D 116 -2.69 -19.66 11.45
C MET D 116 -4.03 -20.31 11.68
N TYR D 117 -4.15 -20.99 12.81
CA TYR D 117 -5.39 -21.70 13.15
C TYR D 117 -6.39 -20.79 13.87
N THR D 118 -7.65 -20.79 13.43
CA THR D 118 -8.66 -19.91 14.05
C THR D 118 -9.84 -20.65 14.71
N GLY D 119 -9.68 -21.96 14.92
CA GLY D 119 -10.75 -22.79 15.50
C GLY D 119 -10.79 -22.66 17.04
N PRO D 120 -11.66 -23.45 17.71
CA PRO D 120 -11.92 -23.43 19.14
C PRO D 120 -10.67 -23.69 19.91
N ALA D 121 -10.54 -23.10 21.08
CA ALA D 121 -9.35 -23.29 21.90
C ALA D 121 -9.24 -24.71 22.38
N LEU D 122 -10.36 -25.41 22.40
CA LEU D 122 -10.41 -26.76 22.90
C LEU D 122 -10.17 -27.79 21.81
N SER D 123 -10.01 -27.33 20.57
CA SER D 123 -9.81 -28.24 19.47
C SER D 123 -8.36 -28.58 19.30
N SER D 124 -8.09 -29.62 18.52
CA SER D 124 -6.72 -29.93 18.17
C SER D 124 -6.61 -30.68 16.86
N ALA D 125 -5.42 -30.65 16.28
CA ALA D 125 -5.11 -31.37 15.06
C ALA D 125 -3.63 -31.38 14.81
N LYS D 126 -3.16 -32.33 14.03
CA LYS D 126 -1.83 -32.23 13.48
C LYS D 126 -1.92 -32.19 11.97
N LEU D 127 -1.24 -31.23 11.38
CA LEU D 127 -1.25 -31.11 9.93
C LEU D 127 0.13 -31.28 9.34
N LEU D 128 0.18 -31.87 8.18
CA LEU D 128 1.41 -32.01 7.44
C LEU D 128 1.47 -31.00 6.34
N ILE D 129 2.49 -30.17 6.32
CA ILE D 129 2.62 -29.20 5.24
C ILE D 129 3.86 -29.56 4.47
N ALA D 130 3.73 -29.70 3.15
CA ALA D 130 4.86 -30.18 2.38
C ALA D 130 5.08 -29.43 1.09
N TYR D 131 6.33 -29.40 0.69
CA TYR D 131 6.76 -28.84 -0.57
C TYR D 131 7.38 -29.89 -1.46
N THR D 132 6.89 -29.96 -2.67
CA THR D 132 7.36 -30.94 -3.63
C THR D 132 8.20 -30.27 -4.71
N PRO D 133 9.52 -30.53 -4.77
CA PRO D 133 10.46 -29.98 -5.69
C PRO D 133 10.06 -30.24 -7.15
N PRO D 134 10.60 -29.46 -8.09
CA PRO D 134 10.37 -29.52 -9.50
C PRO D 134 10.64 -30.88 -10.07
N GLY D 135 9.85 -31.26 -11.06
CA GLY D 135 9.99 -32.51 -11.76
C GLY D 135 9.03 -33.58 -11.26
N ALA D 136 8.55 -33.40 -10.05
CA ALA D 136 7.59 -34.33 -9.50
C ALA D 136 6.20 -33.98 -9.94
N GLN D 137 5.29 -34.92 -9.85
CA GLN D 137 3.88 -34.68 -10.12
C GLN D 137 3.08 -34.71 -8.83
N GLY D 138 1.85 -34.24 -8.88
CA GLY D 138 0.98 -34.30 -7.71
C GLY D 138 1.53 -33.41 -6.61
N PRO D 139 1.66 -33.92 -5.39
CA PRO D 139 1.34 -35.25 -4.89
C PRO D 139 -0.14 -35.50 -4.84
N THR D 140 -0.52 -36.77 -4.89
CA THR D 140 -1.91 -37.17 -4.79
C THR D 140 -2.19 -37.94 -3.50
N LYS D 141 -1.14 -38.48 -2.90
CA LYS D 141 -1.27 -39.22 -1.65
C LYS D 141 -0.34 -38.66 -0.61
N ARG D 142 -0.70 -38.77 0.65
CA ARG D 142 0.19 -38.33 1.72
C ARG D 142 1.54 -39.01 1.63
N LYS D 143 1.54 -40.28 1.20
CA LYS D 143 2.75 -41.07 1.09
C LYS D 143 3.75 -40.46 0.11
N GLU D 144 3.26 -39.64 -0.80
CA GLU D 144 4.12 -38.98 -1.74
C GLU D 144 4.58 -37.66 -1.16
N ALA D 145 3.66 -36.95 -0.55
CA ALA D 145 3.95 -35.64 0.00
C ALA D 145 5.02 -35.69 1.07
N MET D 146 5.00 -36.75 1.88
CA MET D 146 5.94 -36.91 2.98
C MET D 146 7.37 -37.10 2.51
N LEU D 147 7.58 -37.31 1.22
CA LEU D 147 8.91 -37.54 0.72
C LEU D 147 9.58 -36.24 0.30
N GLY D 148 8.85 -35.14 0.37
CA GLY D 148 9.40 -33.84 0.02
C GLY D 148 9.84 -33.10 1.27
N THR D 149 9.91 -31.79 1.18
CA THR D 149 10.31 -31.02 2.32
C THR D 149 9.09 -30.74 3.13
N HIS D 150 9.09 -31.09 4.39
CA HIS D 150 7.86 -30.95 5.11
C HIS D 150 8.01 -30.65 6.57
N VAL D 151 6.93 -30.19 7.16
CA VAL D 151 6.84 -29.92 8.57
C VAL D 151 5.55 -30.47 9.13
N VAL D 152 5.61 -31.01 10.33
CA VAL D 152 4.40 -31.45 10.99
C VAL D 152 4.03 -30.43 12.04
N TRP D 153 2.83 -29.90 11.92
CA TRP D 153 2.37 -28.79 12.73
C TRP D 153 1.40 -29.19 13.81
N ASP D 154 1.80 -29.01 15.06
CA ASP D 154 0.95 -29.31 16.20
C ASP D 154 0.15 -28.09 16.60
N ILE D 155 -1.16 -28.19 16.56
CA ILE D 155 -2.00 -27.07 17.00
C ILE D 155 -1.94 -26.95 18.51
N GLY D 156 -1.71 -25.74 19.02
CA GLY D 156 -1.60 -25.53 20.46
C GLY D 156 -1.65 -24.06 20.80
N LEU D 157 -0.92 -23.65 21.84
CA LEU D 157 -0.90 -22.24 22.23
C LEU D 157 -0.37 -21.37 21.13
N GLN D 158 0.75 -21.75 20.56
CA GLN D 158 1.30 -20.96 19.49
C GLN D 158 0.49 -21.33 18.25
N SER D 159 -0.27 -20.38 17.75
CA SER D 159 -1.24 -20.65 16.70
C SER D 159 -0.68 -20.63 15.28
N THR D 160 0.58 -20.26 15.11
CA THR D 160 1.13 -20.13 13.76
C THR D 160 2.35 -21.00 13.47
N VAL D 161 2.34 -21.65 12.32
CA VAL D 161 3.49 -22.41 11.87
C VAL D 161 4.14 -21.72 10.73
N VAL D 162 5.47 -21.75 10.68
CA VAL D 162 6.18 -21.15 9.59
C VAL D 162 6.98 -22.17 8.82
N LEU D 163 6.74 -22.26 7.53
CA LEU D 163 7.48 -23.16 6.68
C LEU D 163 8.29 -22.38 5.68
N ASN D 164 9.59 -22.46 5.81
CA ASN D 164 10.45 -21.78 4.88
C ASN D 164 10.77 -22.71 3.77
N ILE D 165 10.36 -22.35 2.57
CA ILE D 165 10.58 -23.18 1.42
C ILE D 165 11.94 -22.88 0.84
N PRO D 166 12.88 -23.82 0.89
CA PRO D 166 14.24 -23.63 0.51
C PRO D 166 14.36 -23.48 -0.96
N TRP D 167 15.41 -22.83 -1.39
CA TRP D 167 15.68 -22.74 -2.80
C TRP D 167 16.26 -24.05 -3.26
N THR D 168 15.58 -24.73 -4.17
CA THR D 168 16.01 -26.05 -4.61
C THR D 168 16.32 -26.10 -6.10
N SER D 169 16.18 -24.98 -6.76
CA SER D 169 16.39 -24.91 -8.19
C SER D 169 17.82 -25.17 -8.58
N GLY D 170 18.01 -25.85 -9.72
CA GLY D 170 19.33 -26.06 -10.29
C GLY D 170 19.71 -24.90 -11.20
N VAL D 171 18.80 -23.95 -11.33
CA VAL D 171 18.97 -22.78 -12.16
C VAL D 171 19.03 -21.60 -11.22
N GLN D 172 19.98 -20.72 -11.41
CA GLN D 172 20.20 -19.64 -10.47
C GLN D 172 18.99 -18.72 -10.30
N TYR D 173 18.25 -18.47 -11.37
CA TYR D 173 17.02 -17.66 -11.30
C TYR D 173 15.86 -18.34 -11.99
N ARG D 174 14.66 -18.10 -11.51
CA ARG D 174 13.46 -18.65 -12.12
C ARG D 174 12.59 -17.53 -12.62
N TYR D 175 11.68 -17.81 -13.52
CA TYR D 175 10.85 -16.72 -14.03
C TYR D 175 9.68 -16.43 -13.13
N THR D 176 9.26 -15.17 -13.10
CA THR D 176 8.05 -14.83 -12.38
C THR D 176 6.83 -15.27 -13.18
N ASP D 177 6.93 -15.18 -14.50
CA ASP D 177 5.87 -15.66 -15.36
C ASP D 177 5.93 -17.18 -15.30
N PRO D 178 4.80 -17.89 -15.40
CA PRO D 178 4.77 -19.31 -15.54
C PRO D 178 5.63 -19.72 -16.71
N ASP D 179 6.46 -20.73 -16.49
CA ASP D 179 7.36 -21.26 -17.52
C ASP D 179 7.82 -22.62 -17.12
N THR D 180 7.44 -23.62 -17.89
CA THR D 180 7.72 -24.99 -17.54
C THR D 180 9.17 -25.23 -17.13
N TYR D 181 10.11 -24.61 -17.83
CA TYR D 181 11.52 -24.86 -17.58
C TYR D 181 11.93 -24.52 -16.17
N THR D 182 11.24 -23.56 -15.55
CA THR D 182 11.63 -23.12 -14.23
C THR D 182 10.52 -23.35 -13.22
N SER D 183 9.68 -24.36 -13.44
CA SER D 183 8.61 -24.63 -12.48
C SER D 183 9.17 -24.77 -11.10
N ALA D 184 8.48 -24.19 -10.13
CA ALA D 184 8.90 -24.27 -8.75
C ALA D 184 8.34 -25.47 -8.01
N GLY D 185 7.55 -26.29 -8.67
CA GLY D 185 6.97 -27.44 -7.98
C GLY D 185 5.67 -27.09 -7.28
N PHE D 186 5.34 -27.86 -6.22
CA PHE D 186 4.01 -27.77 -5.60
C PHE D 186 4.05 -27.58 -4.10
N VAL D 187 2.97 -27.04 -3.57
CA VAL D 187 2.77 -26.94 -2.13
C VAL D 187 1.49 -27.66 -1.74
N SER D 188 1.54 -28.45 -0.68
CA SER D 188 0.35 -29.17 -0.26
C SER D 188 0.25 -29.34 1.24
N CYS D 189 -0.96 -29.61 1.72
CA CYS D 189 -1.18 -29.86 3.14
C CYS D 189 -2.15 -30.98 3.36
N TRP D 190 -1.78 -31.88 4.28
CA TRP D 190 -2.52 -33.11 4.53
C TRP D 190 -2.87 -33.26 6.01
N TYR D 191 -3.92 -34.00 6.31
CA TYR D 191 -4.23 -34.25 7.72
C TYR D 191 -3.31 -35.30 8.29
N GLN D 192 -2.41 -34.90 9.20
CA GLN D 192 -1.46 -35.86 9.79
C GLN D 192 -2.24 -36.80 10.67
N THR D 193 -3.18 -36.25 11.43
CA THR D 193 -4.06 -37.04 12.27
C THR D 193 -5.48 -36.73 11.79
N SER D 194 -6.19 -35.91 12.56
CA SER D 194 -7.51 -35.48 12.20
C SER D 194 -7.92 -34.31 13.03
N LEU D 195 -8.95 -33.60 12.61
CA LEU D 195 -9.50 -32.56 13.42
C LEU D 195 -10.39 -33.11 14.49
N VAL D 196 -10.12 -32.72 15.72
CA VAL D 196 -10.91 -33.15 16.85
C VAL D 196 -11.51 -31.98 17.60
N LEU D 197 -12.83 -31.97 17.69
CA LEU D 197 -13.56 -30.95 18.43
C LEU D 197 -14.17 -31.61 19.67
N PRO D 198 -14.63 -30.84 20.68
CA PRO D 198 -15.26 -31.37 21.87
C PRO D 198 -16.39 -32.34 21.51
N PRO D 199 -16.69 -33.32 22.39
CA PRO D 199 -17.67 -34.35 22.21
C PRO D 199 -19.02 -33.81 21.83
N GLN D 200 -19.67 -34.51 20.92
CA GLN D 200 -21.00 -34.18 20.44
C GLN D 200 -21.10 -32.84 19.72
N THR D 201 -19.99 -32.32 19.22
CA THR D 201 -20.07 -31.12 18.42
C THR D 201 -19.68 -31.42 16.99
N GLN D 202 -20.19 -30.63 16.06
CA GLN D 202 -19.81 -30.78 14.66
C GLN D 202 -19.69 -29.44 13.99
N GLN D 203 -18.46 -29.07 13.64
CA GLN D 203 -18.18 -27.75 13.06
C GLN D 203 -17.10 -27.82 12.01
N THR D 204 -17.04 -26.79 11.19
CA THR D 204 -15.92 -26.61 10.28
C THR D 204 -15.06 -25.50 10.84
N VAL D 205 -13.76 -25.72 10.87
CA VAL D 205 -12.88 -24.69 11.40
C VAL D 205 -11.99 -24.25 10.29
N TYR D 206 -11.37 -23.10 10.42
CA TYR D 206 -10.60 -22.58 9.33
C TYR D 206 -9.19 -22.18 9.69
N MET D 207 -8.33 -22.16 8.69
CA MET D 207 -6.98 -21.60 8.80
C MET D 207 -6.83 -20.44 7.87
N LEU D 208 -5.96 -19.52 8.22
CA LEU D 208 -5.60 -18.44 7.32
C LEU D 208 -4.18 -18.64 6.82
N GLY D 209 -4.00 -18.55 5.51
CA GLY D 209 -2.66 -18.74 4.94
C GLY D 209 -1.99 -17.41 4.69
N PHE D 210 -0.68 -17.35 4.91
CA PHE D 210 0.10 -16.16 4.71
C PHE D 210 1.33 -16.43 3.85
N ILE D 211 1.83 -15.40 3.18
CA ILE D 211 3.11 -15.52 2.47
C ILE D 211 3.97 -14.28 2.56
N SER D 212 5.27 -14.50 2.68
CA SER D 212 6.29 -13.45 2.68
C SER D 212 7.61 -13.96 2.15
N ALA D 213 8.50 -13.06 1.82
CA ALA D 213 9.82 -13.45 1.37
C ALA D 213 10.77 -13.70 2.53
N CYS D 214 11.74 -14.57 2.31
CA CYS D 214 12.84 -14.76 3.23
C CYS D 214 13.86 -13.68 2.95
N PRO D 215 14.72 -13.31 3.91
CA PRO D 215 15.80 -12.35 3.73
C PRO D 215 16.57 -12.63 2.44
N ASP D 216 16.77 -13.90 2.12
CA ASP D 216 17.40 -14.29 0.88
C ASP D 216 16.41 -14.29 -0.25
N PHE D 217 16.04 -13.11 -0.71
CA PHE D 217 15.09 -13.01 -1.81
C PHE D 217 15.61 -12.02 -2.81
N LYS D 218 15.58 -12.40 -4.07
CA LYS D 218 16.17 -11.59 -5.10
C LYS D 218 15.19 -11.33 -6.23
N LEU D 219 15.22 -10.13 -6.78
CA LEU D 219 14.43 -9.80 -7.96
C LEU D 219 15.28 -9.06 -8.97
N ARG D 220 15.11 -9.37 -10.26
CA ARG D 220 15.84 -8.66 -11.30
C ARG D 220 14.99 -8.28 -12.51
N LEU D 221 15.51 -7.35 -13.29
CA LEU D 221 14.90 -6.93 -14.54
C LEU D 221 13.44 -6.54 -14.43
N MET D 222 13.21 -5.25 -14.26
CA MET D 222 11.85 -4.72 -14.15
C MET D 222 11.04 -4.81 -15.43
N LYS D 223 9.73 -5.00 -15.27
CA LYS D 223 8.78 -5.04 -16.39
C LYS D 223 7.43 -4.51 -15.95
N ASP D 224 6.58 -4.19 -16.91
CA ASP D 224 5.21 -3.78 -16.59
C ASP D 224 4.37 -4.99 -16.18
N THR D 225 3.37 -4.76 -15.32
CA THR D 225 2.49 -5.84 -14.87
C THR D 225 1.38 -6.07 -15.84
N GLN D 226 0.57 -7.08 -15.58
CA GLN D 226 -0.62 -7.34 -16.37
C GLN D 226 -1.87 -7.02 -15.56
N SER D 227 -1.72 -6.16 -14.54
CA SER D 227 -2.83 -5.82 -13.66
C SER D 227 -3.61 -4.58 -14.11
N ILE D 228 -3.18 -3.98 -15.20
CA ILE D 228 -3.79 -2.76 -15.72
C ILE D 228 -4.51 -3.02 -17.02
N HIS D 229 -5.76 -2.60 -17.11
CA HIS D 229 -6.56 -2.89 -18.29
C HIS D 229 -6.97 -1.67 -19.09
N GLN D 230 -6.37 -0.52 -18.82
CA GLN D 230 -6.65 0.71 -19.58
C GLN D 230 -5.76 1.85 -19.14
#